data_3KQR
#
_entry.id   3KQR
#
_cell.length_a   94.860
_cell.length_b   69.860
_cell.length_c   102.270
_cell.angle_alpha   90.00
_cell.angle_beta   96.95
_cell.angle_gamma   90.00
#
_symmetry.space_group_name_H-M   'P 1 21 1'
#
loop_
_entity.id
_entity.type
_entity.pdbx_description
1 polymer 'Serum amyloid P-component'
2 non-polymer 'PHOSPHORIC ACID MONO-(2-AMINO-ETHYL) ESTER'
3 non-polymer 'CALCIUM ION'
4 non-polymer 2-acetamido-2-deoxy-beta-D-glucopyranose
5 water water
#
_entity_poly.entity_id   1
_entity_poly.type   'polypeptide(L)'
_entity_poly.pdbx_seq_one_letter_code
;HTDLSGKVFVFPRESVTDHVNLITPLEKPLQNFTLCFRAYSDLSRAYSLFSYNTQGRDNELLVYKERVGEYSLYIGRHKV
TSKVIEKFPAPVHICVSWESSSGIAEFWINGTPLVKKGLRQGYFVEAQPKIVLGQEQDSYGGKFDRSQSFVGEIGDLYMW
DSVLPPENILSAYQGTPLPANILDWQALNYEIRGYVIIKPLVWV
;
_entity_poly.pdbx_strand_id   A,B,C,D,E
#
loop_
_chem_comp.id
_chem_comp.type
_chem_comp.name
_chem_comp.formula
CA non-polymer 'CALCIUM ION' 'Ca 2'
NAG D-saccharide, beta linking 2-acetamido-2-deoxy-beta-D-glucopyranose 'C8 H15 N O6'
OPE non-polymer 'PHOSPHORIC ACID MONO-(2-AMINO-ETHYL) ESTER' 'C2 H8 N O4 P'
#
# COMPACT_ATOMS: atom_id res chain seq x y z
N HIS A 1 -39.21 3.30 23.47
CA HIS A 1 -39.50 2.37 24.56
C HIS A 1 -38.51 1.20 24.71
N THR A 2 -37.45 1.11 23.90
CA THR A 2 -36.38 0.14 24.22
C THR A 2 -35.02 0.81 24.16
N ASP A 3 -34.18 0.58 25.16
CA ASP A 3 -32.81 1.08 25.16
C ASP A 3 -31.93 0.01 24.54
N LEU A 4 -31.55 0.23 23.29
CA LEU A 4 -30.68 -0.72 22.59
C LEU A 4 -29.20 -0.43 22.74
N SER A 5 -28.81 0.40 23.70
CA SER A 5 -27.42 0.64 23.95
C SER A 5 -26.65 -0.66 24.00
N GLY A 6 -25.54 -0.71 23.27
CA GLY A 6 -24.69 -1.87 23.31
C GLY A 6 -25.17 -3.02 22.44
N LYS A 7 -26.23 -2.80 21.66
CA LYS A 7 -26.83 -3.85 20.85
C LYS A 7 -26.90 -3.40 19.39
N VAL A 8 -27.07 -4.38 18.52
CA VAL A 8 -27.24 -4.16 17.10
C VAL A 8 -28.40 -4.97 16.58
N PHE A 9 -28.95 -4.57 15.45
CA PHE A 9 -29.79 -5.46 14.64
C PHE A 9 -28.86 -6.22 13.69
N VAL A 10 -29.03 -7.54 13.62
CA VAL A 10 -28.31 -8.39 12.67
C VAL A 10 -29.29 -8.84 11.63
N PHE A 11 -29.01 -8.51 10.37
CA PHE A 11 -29.75 -8.99 9.23
C PHE A 11 -28.87 -10.10 8.69
N PRO A 12 -29.16 -11.36 9.02
CA PRO A 12 -28.11 -12.36 8.88
C PRO A 12 -28.04 -13.04 7.50
N ARG A 13 -28.94 -12.68 6.61
CA ARG A 13 -28.99 -13.30 5.30
C ARG A 13 -29.57 -12.33 4.30
N GLU A 14 -29.28 -12.61 3.03
CA GLU A 14 -29.93 -11.93 1.94
C GLU A 14 -31.36 -12.42 1.78
N SER A 15 -32.27 -11.49 1.62
CA SER A 15 -33.67 -11.84 1.48
C SER A 15 -34.42 -10.71 0.88
N VAL A 16 -35.68 -10.94 0.52
CA VAL A 16 -36.57 -9.87 0.13
C VAL A 16 -37.62 -9.61 1.21
N THR A 17 -37.48 -10.25 2.38
CA THR A 17 -38.47 -10.20 3.45
C THR A 17 -37.97 -9.58 4.74
N ASP A 18 -36.72 -9.82 5.14
CA ASP A 18 -36.29 -9.46 6.47
C ASP A 18 -36.11 -7.92 6.58
N HIS A 19 -36.73 -7.32 7.59
CA HIS A 19 -36.60 -5.87 7.78
C HIS A 19 -37.01 -5.44 9.17
N VAL A 20 -36.65 -4.20 9.50
CA VAL A 20 -37.12 -3.57 10.73
C VAL A 20 -37.84 -2.28 10.42
N ASN A 21 -39.04 -2.09 10.96
CA ASN A 21 -39.72 -0.83 10.90
C ASN A 21 -39.35 0.02 12.10
N LEU A 22 -38.97 1.27 11.85
CA LEU A 22 -38.66 2.21 12.92
C LEU A 22 -39.80 3.17 13.04
N ILE A 23 -40.32 3.33 14.26
CA ILE A 23 -41.53 4.09 14.50
C ILE A 23 -41.21 5.42 15.15
N THR A 24 -41.67 6.51 14.53
CA THR A 24 -41.44 7.83 15.09
C THR A 24 -42.77 8.57 15.17
N PRO A 25 -42.96 9.41 16.20
CA PRO A 25 -44.16 10.24 16.30
C PRO A 25 -44.13 11.50 15.45
N LEU A 26 -43.04 11.74 14.73
CA LEU A 26 -42.93 12.93 13.89
C LEU A 26 -44.11 13.07 12.93
N GLU A 27 -44.79 14.21 12.95
CA GLU A 27 -45.96 14.40 12.08
C GLU A 27 -45.89 15.64 11.20
N LYS A 28 -44.86 16.47 11.41
CA LYS A 28 -44.66 17.69 10.63
C LYS A 28 -43.55 17.50 9.61
N PRO A 29 -43.68 18.13 8.43
CA PRO A 29 -42.63 17.99 7.42
C PRO A 29 -41.28 18.51 7.94
N LEU A 30 -40.20 17.91 7.43
CA LEU A 30 -38.87 18.19 7.93
C LEU A 30 -38.20 19.15 6.98
N GLN A 31 -37.65 20.20 7.57
CA GLN A 31 -36.82 21.13 6.85
C GLN A 31 -35.35 20.86 7.08
N ASN A 32 -35.00 20.29 8.24
CA ASN A 32 -33.62 20.03 8.63
C ASN A 32 -33.59 18.66 9.28
N PHE A 33 -32.56 17.88 9.03
CA PHE A 33 -32.34 16.66 9.82
C PHE A 33 -30.89 16.28 9.85
N THR A 34 -30.55 15.43 10.81
CA THR A 34 -29.30 14.69 10.86
C THR A 34 -29.64 13.25 11.20
N LEU A 35 -28.97 12.32 10.54
CA LEU A 35 -29.13 10.89 10.80
C LEU A 35 -27.76 10.27 10.97
N CYS A 36 -27.51 9.57 12.05
CA CYS A 36 -26.25 8.87 12.32
C CYS A 36 -26.56 7.40 12.64
N PHE A 37 -25.67 6.51 12.24
CA PHE A 37 -25.75 5.10 12.62
C PHE A 37 -24.44 4.44 12.30
N ARG A 38 -24.26 3.24 12.87
CA ARG A 38 -23.06 2.45 12.67
C ARG A 38 -23.47 1.22 11.90
N ALA A 39 -22.67 0.80 10.90
CA ALA A 39 -23.00 -0.37 10.11
C ALA A 39 -21.78 -1.22 9.83
N TYR A 40 -22.00 -2.52 9.68
CA TYR A 40 -20.91 -3.45 9.39
C TYR A 40 -21.47 -4.51 8.44
N SER A 41 -20.98 -4.47 7.21
CA SER A 41 -21.45 -5.35 6.14
C SER A 41 -20.28 -5.75 5.28
N ASP A 42 -20.28 -6.97 4.76
CA ASP A 42 -19.28 -7.37 3.78
C ASP A 42 -19.88 -7.61 2.42
N LEU A 43 -21.04 -7.01 2.15
CA LEU A 43 -21.54 -6.91 0.78
C LEU A 43 -20.67 -5.98 -0.06
N SER A 44 -20.41 -6.42 -1.30
CA SER A 44 -19.78 -5.57 -2.31
C SER A 44 -20.77 -4.91 -3.24
N ARG A 45 -21.90 -5.53 -3.44
CA ARG A 45 -22.92 -4.93 -4.27
C ARG A 45 -23.54 -3.73 -3.57
N ALA A 46 -24.37 -3.00 -4.29
CA ALA A 46 -25.07 -1.86 -3.75
C ALA A 46 -26.12 -2.32 -2.74
N TYR A 47 -26.43 -1.46 -1.78
CA TYR A 47 -27.47 -1.76 -0.84
C TYR A 47 -28.02 -0.50 -0.18
N SER A 48 -29.27 -0.59 0.27
CA SER A 48 -29.91 0.45 1.02
CA SER A 48 -29.88 0.49 1.03
C SER A 48 -29.55 0.40 2.51
N LEU A 49 -29.22 1.54 3.11
CA LEU A 49 -28.96 1.61 4.55
C LEU A 49 -30.13 2.12 5.36
N PHE A 50 -30.90 3.06 4.80
CA PHE A 50 -32.01 3.68 5.54
C PHE A 50 -33.03 4.18 4.53
N SER A 51 -34.25 3.67 4.60
CA SER A 51 -35.29 3.90 3.60
C SER A 51 -36.50 4.56 4.26
N TYR A 52 -36.83 5.77 3.84
CA TYR A 52 -37.89 6.57 4.43
C TYR A 52 -38.79 6.91 3.25
N ASN A 53 -39.94 6.25 3.17
CA ASN A 53 -40.88 6.47 2.09
C ASN A 53 -42.14 7.09 2.70
N THR A 54 -42.88 7.88 1.94
CA THR A 54 -44.14 8.41 2.46
C THR A 54 -45.22 8.04 1.43
N GLN A 55 -46.48 8.18 1.80
CA GLN A 55 -47.56 7.69 0.92
C GLN A 55 -47.53 8.46 -0.39
N GLY A 56 -47.35 7.71 -1.47
CA GLY A 56 -47.29 8.28 -2.80
C GLY A 56 -45.88 8.60 -3.25
N ARG A 57 -44.91 8.55 -2.31
CA ARG A 57 -43.55 8.97 -2.63
CA ARG A 57 -43.54 8.98 -2.60
C ARG A 57 -42.49 7.90 -2.34
N ASP A 58 -41.76 7.51 -3.37
CA ASP A 58 -40.60 6.61 -3.25
C ASP A 58 -39.35 7.46 -3.01
N ASN A 59 -38.38 6.86 -2.34
CA ASN A 59 -37.07 7.48 -2.09
C ASN A 59 -37.21 8.87 -1.51
N GLU A 60 -38.12 9.04 -0.54
CA GLU A 60 -38.37 10.39 -0.02
C GLU A 60 -37.14 10.83 0.74
N LEU A 61 -36.61 9.95 1.57
CA LEU A 61 -35.28 10.16 2.13
C LEU A 61 -34.66 8.77 2.05
N LEU A 62 -33.53 8.63 1.39
CA LEU A 62 -32.89 7.33 1.26
C LEU A 62 -31.39 7.48 1.37
N VAL A 63 -30.75 6.69 2.23
CA VAL A 63 -29.31 6.61 2.32
C VAL A 63 -28.91 5.29 1.70
N TYR A 64 -28.05 5.36 0.69
CA TYR A 64 -27.78 4.23 -0.19
C TYR A 64 -26.29 4.11 -0.44
N LYS A 65 -25.78 2.90 -0.40
CA LYS A 65 -24.37 2.65 -0.67
C LYS A 65 -24.22 2.04 -2.03
N GLU A 66 -23.68 2.85 -2.95
CA GLU A 66 -23.55 2.48 -4.36
C GLU A 66 -22.50 1.37 -4.59
N ARG A 67 -21.41 1.55 -3.89
CA ARG A 67 -20.21 0.71 -4.04
C ARG A 67 -19.24 1.18 -2.97
N VAL A 68 -18.17 0.43 -2.73
CA VAL A 68 -17.20 0.82 -1.72
C VAL A 68 -16.75 2.29 -1.97
N GLY A 69 -16.71 3.06 -0.89
CA GLY A 69 -16.19 4.42 -0.94
C GLY A 69 -17.19 5.46 -1.44
N GLU A 70 -18.45 5.10 -1.69
CA GLU A 70 -19.40 6.05 -2.27
C GLU A 70 -20.75 5.99 -1.56
N TYR A 71 -21.17 7.13 -1.01
CA TYR A 71 -22.40 7.22 -0.25
C TYR A 71 -23.35 8.18 -0.91
N SER A 72 -24.62 7.78 -1.04
CA SER A 72 -25.63 8.63 -1.64
C SER A 72 -26.76 8.95 -0.70
N LEU A 73 -27.27 10.16 -0.85
CA LEU A 73 -28.48 10.60 -0.17
C LEU A 73 -29.48 10.99 -1.25
N TYR A 74 -30.69 10.42 -1.15
CA TYR A 74 -31.82 10.88 -1.94
C TYR A 74 -32.75 11.69 -1.08
N ILE A 75 -33.20 12.82 -1.61
CA ILE A 75 -34.26 13.63 -1.01
C ILE A 75 -35.30 13.83 -2.11
N GLY A 76 -36.50 13.31 -1.87
CA GLY A 76 -37.55 13.50 -2.85
C GLY A 76 -37.13 13.07 -4.25
N ARG A 77 -36.48 11.92 -4.35
CA ARG A 77 -36.11 11.34 -5.62
C ARG A 77 -34.87 11.94 -6.31
N HIS A 78 -34.38 13.07 -5.80
CA HIS A 78 -33.17 13.69 -6.29
C HIS A 78 -32.03 13.10 -5.46
N LYS A 79 -30.82 13.02 -6.01
CA LYS A 79 -29.71 12.42 -5.25
C LYS A 79 -28.44 13.20 -5.36
N VAL A 80 -27.62 13.03 -4.31
CA VAL A 80 -26.23 13.43 -4.31
C VAL A 80 -25.40 12.27 -3.85
N THR A 81 -24.12 12.29 -4.23
CA THR A 81 -23.20 11.21 -3.89
C THR A 81 -21.86 11.85 -3.52
N SER A 82 -21.23 11.37 -2.45
CA SER A 82 -19.90 11.82 -2.13
C SER A 82 -19.00 10.61 -1.81
N LYS A 83 -17.70 10.83 -2.01
CA LYS A 83 -16.72 9.75 -1.97
C LYS A 83 -15.81 9.86 -0.77
N VAL A 84 -15.24 8.72 -0.40
CA VAL A 84 -14.36 8.68 0.75
C VAL A 84 -13.40 7.50 0.56
N ILE A 85 -12.21 7.64 1.15
CA ILE A 85 -11.27 6.52 1.28
C ILE A 85 -11.71 5.64 2.45
N GLU A 86 -11.93 4.35 2.17
CA GLU A 86 -12.30 3.40 3.25
C GLU A 86 -11.78 2.01 2.87
N LYS A 87 -11.58 1.23 3.92
CA LYS A 87 -11.19 -0.16 3.83
C LYS A 87 -12.43 -1.00 3.62
N PHE A 88 -12.22 -2.20 3.08
CA PHE A 88 -13.31 -3.13 2.89
C PHE A 88 -12.88 -4.56 3.17
N PRO A 89 -13.65 -5.29 3.98
CA PRO A 89 -14.81 -4.86 4.78
C PRO A 89 -14.34 -4.11 6.01
N ALA A 90 -15.21 -3.25 6.53
CA ALA A 90 -14.91 -2.57 7.76
C ALA A 90 -16.14 -1.96 8.38
N PRO A 91 -16.19 -1.96 9.70
CA PRO A 91 -17.25 -1.18 10.34
C PRO A 91 -17.15 0.29 9.95
N VAL A 92 -18.29 0.97 9.91
CA VAL A 92 -18.33 2.37 9.57
C VAL A 92 -19.34 3.09 10.45
N HIS A 93 -19.02 4.32 10.80
CA HIS A 93 -19.97 5.23 11.39
C HIS A 93 -20.34 6.26 10.32
N ILE A 94 -21.64 6.38 10.05
CA ILE A 94 -22.15 7.24 8.99
C ILE A 94 -23.04 8.28 9.64
N CYS A 95 -22.83 9.55 9.30
CA CYS A 95 -23.80 10.61 9.63
C CYS A 95 -24.06 11.37 8.35
N VAL A 96 -25.30 11.77 8.18
CA VAL A 96 -25.65 12.65 7.10
C VAL A 96 -26.66 13.69 7.58
N SER A 97 -26.45 14.96 7.21
CA SER A 97 -27.41 16.02 7.53
C SER A 97 -27.84 16.68 6.24
N TRP A 98 -29.00 17.32 6.30
CA TRP A 98 -29.51 18.10 5.20
C TRP A 98 -30.28 19.27 5.72
N GLU A 99 -30.17 20.40 5.06
CA GLU A 99 -30.75 21.69 5.43
C GLU A 99 -31.52 22.21 4.21
N SER A 100 -32.85 22.32 4.30
CA SER A 100 -33.67 22.81 3.18
C SER A 100 -33.26 24.21 2.73
N SER A 101 -32.92 25.07 3.65
CA SER A 101 -32.73 26.49 3.31
C SER A 101 -31.63 26.68 2.28
N SER A 102 -30.58 25.87 2.39
CA SER A 102 -29.45 25.92 1.48
C SER A 102 -29.40 24.73 0.52
N GLY A 103 -30.10 23.64 0.84
CA GLY A 103 -30.01 22.38 0.12
C GLY A 103 -28.78 21.56 0.45
N ILE A 104 -27.97 22.03 1.37
CA ILE A 104 -26.67 21.37 1.62
C ILE A 104 -26.82 20.06 2.38
N ALA A 105 -26.20 19.02 1.84
CA ALA A 105 -26.09 17.70 2.45
C ALA A 105 -24.67 17.49 2.86
N GLU A 106 -24.47 17.08 4.11
CA GLU A 106 -23.14 16.81 4.67
C GLU A 106 -23.07 15.35 5.13
N PHE A 107 -22.26 14.53 4.48
CA PHE A 107 -21.88 13.23 4.97
C PHE A 107 -20.61 13.33 5.82
N TRP A 108 -20.62 12.55 6.92
CA TRP A 108 -19.45 12.33 7.77
C TRP A 108 -19.25 10.84 7.92
N ILE A 109 -18.06 10.38 7.63
CA ILE A 109 -17.74 8.96 7.65
C ILE A 109 -16.61 8.75 8.66
N ASN A 110 -16.85 7.99 9.71
CA ASN A 110 -15.89 7.79 10.81
C ASN A 110 -15.35 9.11 11.31
N GLY A 111 -16.26 10.06 11.46
CA GLY A 111 -15.91 11.34 12.01
C GLY A 111 -15.21 12.29 11.04
N THR A 112 -15.06 11.93 9.79
CA THR A 112 -14.41 12.78 8.81
C THR A 112 -15.44 13.31 7.83
N PRO A 113 -15.43 14.62 7.60
CA PRO A 113 -16.40 15.19 6.66
C PRO A 113 -16.05 14.92 5.21
N LEU A 114 -17.07 14.54 4.46
CA LEU A 114 -16.97 14.41 3.01
C LEU A 114 -17.25 15.77 2.39
N VAL A 115 -17.04 15.86 1.08
CA VAL A 115 -17.34 17.10 0.38
C VAL A 115 -18.82 17.34 0.39
N LYS A 116 -19.21 18.57 0.74
CA LYS A 116 -20.64 18.94 0.76
C LYS A 116 -21.21 18.93 -0.66
N LYS A 117 -22.47 18.52 -0.76
CA LYS A 117 -23.20 18.56 -2.03
C LYS A 117 -24.53 19.23 -1.73
N GLY A 118 -25.31 19.56 -2.76
CA GLY A 118 -26.56 20.25 -2.53
C GLY A 118 -27.66 19.74 -3.43
N LEU A 119 -28.85 19.69 -2.86
CA LEU A 119 -30.05 19.23 -3.57
C LEU A 119 -31.30 19.76 -2.85
N ARG A 120 -32.35 19.92 -3.63
CA ARG A 120 -33.69 20.16 -3.08
C ARG A 120 -33.78 21.39 -2.21
N GLN A 121 -33.03 22.43 -2.52
CA GLN A 121 -33.14 23.63 -1.79
C GLN A 121 -34.59 24.14 -1.77
N GLY A 122 -35.10 24.41 -0.57
CA GLY A 122 -36.47 24.90 -0.39
C GLY A 122 -37.53 23.82 -0.18
N TYR A 123 -37.15 22.57 -0.35
CA TYR A 123 -38.08 21.43 -0.28
C TYR A 123 -38.39 21.10 1.17
N PHE A 124 -39.56 20.52 1.41
CA PHE A 124 -39.89 20.01 2.74
C PHE A 124 -40.07 18.50 2.60
N VAL A 125 -39.33 17.72 3.39
CA VAL A 125 -39.45 16.26 3.38
C VAL A 125 -40.80 15.91 4.02
N GLU A 126 -41.57 15.07 3.34
CA GLU A 126 -42.93 14.84 3.82
CA GLU A 126 -42.94 14.78 3.76
C GLU A 126 -42.90 14.01 5.09
N ALA A 127 -43.93 14.18 5.92
CA ALA A 127 -44.02 13.45 7.19
C ALA A 127 -44.90 12.20 7.04
N GLN A 128 -45.25 11.63 8.19
CA GLN A 128 -45.92 10.31 8.28
C GLN A 128 -45.16 9.25 7.50
N PRO A 129 -43.85 9.09 7.80
CA PRO A 129 -43.06 8.12 7.05
C PRO A 129 -43.25 6.67 7.47
N LYS A 130 -42.99 5.76 6.56
CA LYS A 130 -42.62 4.42 6.97
C LYS A 130 -41.11 4.38 6.82
N ILE A 131 -40.43 4.01 7.90
CA ILE A 131 -38.96 4.00 7.96
C ILE A 131 -38.54 2.55 8.09
N VAL A 132 -37.71 2.07 7.16
CA VAL A 132 -37.32 0.68 7.09
C VAL A 132 -35.79 0.50 7.05
N LEU A 133 -35.30 -0.42 7.88
CA LEU A 133 -33.93 -0.94 7.79
CA LEU A 133 -33.93 -0.93 7.77
C LEU A 133 -33.96 -2.34 7.21
N GLY A 134 -32.96 -2.70 6.39
CA GLY A 134 -32.84 -4.07 5.92
C GLY A 134 -33.22 -4.20 4.46
N GLN A 135 -34.15 -3.35 4.02
CA GLN A 135 -34.65 -3.41 2.65
C GLN A 135 -34.85 -2.01 2.15
N GLU A 136 -34.85 -1.90 0.84
CA GLU A 136 -35.18 -0.68 0.16
C GLU A 136 -36.66 -0.71 -0.27
N GLN A 137 -37.43 0.28 0.14
CA GLN A 137 -38.84 0.31 -0.19
C GLN A 137 -39.02 0.84 -1.58
N ASP A 138 -39.93 0.24 -2.34
CA ASP A 138 -40.39 0.87 -3.57
C ASP A 138 -41.86 1.26 -3.43
N SER A 139 -42.49 0.88 -2.31
CA SER A 139 -43.85 1.31 -1.99
C SER A 139 -43.92 1.90 -0.58
N TYR A 140 -45.12 2.24 -0.11
CA TYR A 140 -45.28 2.75 1.27
C TYR A 140 -45.24 1.57 2.24
N GLY A 141 -44.03 1.09 2.51
CA GLY A 141 -43.80 0.05 3.49
C GLY A 141 -43.36 -1.29 2.91
N GLY A 142 -43.23 -1.37 1.57
CA GLY A 142 -42.95 -2.64 0.93
C GLY A 142 -42.30 -2.56 -0.43
N LYS A 143 -42.61 -3.53 -1.29
CA LYS A 143 -42.00 -3.63 -2.62
C LYS A 143 -40.48 -3.67 -2.51
N PHE A 144 -39.98 -4.61 -1.72
CA PHE A 144 -38.55 -4.80 -1.55
C PHE A 144 -37.89 -5.48 -2.75
N ASP A 145 -36.57 -5.44 -2.77
CA ASP A 145 -35.75 -5.98 -3.85
C ASP A 145 -34.54 -6.64 -3.22
N ARG A 146 -34.41 -7.94 -3.37
CA ARG A 146 -33.35 -8.69 -2.70
C ARG A 146 -31.99 -8.11 -3.04
N SER A 147 -31.84 -7.59 -4.27
CA SER A 147 -30.54 -7.13 -4.70
C SER A 147 -30.14 -5.79 -4.09
N GLN A 148 -31.04 -5.17 -3.32
CA GLN A 148 -30.73 -3.94 -2.56
C GLN A 148 -30.81 -4.16 -1.05
N SER A 149 -31.02 -5.40 -0.63
CA SER A 149 -31.18 -5.69 0.77
C SER A 149 -29.86 -5.49 1.51
N PHE A 150 -29.99 -5.07 2.76
CA PHE A 150 -28.85 -4.94 3.64
C PHE A 150 -28.62 -6.23 4.42
N VAL A 151 -27.42 -6.77 4.31
CA VAL A 151 -27.00 -7.95 5.05
C VAL A 151 -25.84 -7.50 5.92
N GLY A 152 -25.95 -7.73 7.22
CA GLY A 152 -24.93 -7.27 8.15
C GLY A 152 -25.57 -6.71 9.39
N GLU A 153 -24.88 -5.78 10.04
CA GLU A 153 -25.27 -5.32 11.36
C GLU A 153 -25.41 -3.81 11.37
N ILE A 154 -26.46 -3.32 12.03
CA ILE A 154 -26.63 -1.86 12.22
C ILE A 154 -26.93 -1.54 13.67
N GLY A 155 -26.27 -0.52 14.19
CA GLY A 155 -26.55 -0.08 15.54
C GLY A 155 -26.41 1.42 15.70
N ASP A 156 -26.61 1.88 16.94
CA ASP A 156 -26.31 3.28 17.33
C ASP A 156 -26.98 4.25 16.34
N LEU A 157 -28.25 4.03 16.04
CA LEU A 157 -28.98 4.89 15.11
C LEU A 157 -29.74 5.99 15.84
N TYR A 158 -29.55 7.22 15.36
CA TYR A 158 -30.16 8.41 15.88
C TYR A 158 -30.57 9.33 14.77
N MET A 159 -31.71 10.00 14.92
CA MET A 159 -32.13 10.99 13.94
C MET A 159 -32.69 12.19 14.69
N TRP A 160 -32.18 13.36 14.33
CA TRP A 160 -32.52 14.64 14.91
C TRP A 160 -33.19 15.54 13.89
N ASP A 161 -34.12 16.39 14.31
CA ASP A 161 -34.75 17.35 13.39
C ASP A 161 -33.97 18.65 13.22
N SER A 162 -32.64 18.57 13.38
CA SER A 162 -31.77 19.70 13.19
C SER A 162 -30.50 19.27 12.49
N VAL A 163 -29.72 20.23 12.03
CA VAL A 163 -28.39 19.96 11.49
C VAL A 163 -27.37 20.01 12.59
N LEU A 164 -26.75 18.87 12.90
CA LEU A 164 -25.77 18.87 13.97
C LEU A 164 -24.48 19.56 13.55
N PRO A 165 -23.87 20.33 14.48
CA PRO A 165 -22.53 20.83 14.27
C PRO A 165 -21.49 19.74 14.44
N PRO A 166 -20.30 19.98 13.93
CA PRO A 166 -19.23 18.98 13.99
C PRO A 166 -19.01 18.37 15.38
N GLU A 167 -19.07 19.17 16.42
CA GLU A 167 -18.77 18.60 17.74
C GLU A 167 -19.80 17.54 18.11
N ASN A 168 -21.05 17.73 17.71
CA ASN A 168 -22.09 16.79 18.09
C ASN A 168 -22.02 15.51 17.23
N ILE A 169 -21.57 15.66 15.98
CA ILE A 169 -21.28 14.51 15.13
C ILE A 169 -20.14 13.67 15.70
N LEU A 170 -19.07 14.35 16.12
CA LEU A 170 -17.95 13.63 16.73
C LEU A 170 -18.36 12.93 18.03
N SER A 171 -19.22 13.58 18.80
CA SER A 171 -19.74 12.94 20.01
C SER A 171 -20.45 11.65 19.68
N ALA A 172 -21.31 11.67 18.67
CA ALA A 172 -22.00 10.46 18.26
C ALA A 172 -20.99 9.38 17.81
N TYR A 173 -20.03 9.77 16.99
CA TYR A 173 -19.02 8.82 16.51
C TYR A 173 -18.30 8.17 17.69
N GLN A 174 -18.00 8.99 18.70
CA GLN A 174 -17.22 8.54 19.86
C GLN A 174 -18.04 7.76 20.87
N GLY A 175 -19.36 7.68 20.69
CA GLY A 175 -20.21 6.92 21.58
C GLY A 175 -20.92 7.71 22.67
N THR A 176 -20.95 9.03 22.59
CA THR A 176 -21.79 9.84 23.49
C THR A 176 -22.71 10.77 22.69
N PRO A 177 -23.61 10.17 21.90
CA PRO A 177 -24.51 11.00 21.09
C PRO A 177 -25.44 11.82 21.97
N LEU A 178 -25.81 12.98 21.46
N LEU A 178 -25.81 12.98 21.46
CA LEU A 178 -26.88 13.77 22.08
CA LEU A 178 -26.89 13.75 22.06
C LEU A 178 -28.21 13.07 21.92
C LEU A 178 -28.20 13.02 21.94
N PRO A 179 -29.12 13.27 22.87
CA PRO A 179 -30.46 12.77 22.71
C PRO A 179 -31.08 13.25 21.39
N ALA A 180 -31.89 12.40 20.78
CA ALA A 180 -32.36 12.61 19.43
C ALA A 180 -33.87 12.49 19.34
N ASN A 181 -34.49 13.50 18.73
CA ASN A 181 -35.95 13.66 18.79
C ASN A 181 -36.79 13.08 17.69
N ILE A 182 -36.19 12.49 16.66
CA ILE A 182 -36.97 11.74 15.70
C ILE A 182 -36.85 10.23 15.92
N LEU A 183 -35.61 9.74 16.00
CA LEU A 183 -35.34 8.35 16.35
C LEU A 183 -34.15 8.32 17.30
N ASP A 184 -34.21 7.49 18.35
CA ASP A 184 -33.15 7.45 19.36
C ASP A 184 -32.95 6.00 19.80
N TRP A 185 -31.74 5.52 19.54
CA TRP A 185 -31.36 4.14 19.83
C TRP A 185 -31.57 3.77 21.29
N GLN A 186 -31.57 4.77 22.17
CA GLN A 186 -31.68 4.51 23.62
C GLN A 186 -33.13 4.58 24.08
N ALA A 187 -34.04 4.82 23.15
CA ALA A 187 -35.47 4.86 23.43
C ALA A 187 -36.24 4.65 22.13
N LEU A 188 -36.03 3.46 21.57
CA LEU A 188 -36.47 3.10 20.23
C LEU A 188 -37.75 2.27 20.22
N ASN A 189 -38.65 2.62 19.31
CA ASN A 189 -39.85 1.86 19.00
C ASN A 189 -39.66 1.28 17.64
N TYR A 190 -39.67 -0.03 17.59
CA TYR A 190 -39.37 -0.76 16.36
C TYR A 190 -40.21 -2.02 16.22
N GLU A 191 -40.25 -2.56 15.01
CA GLU A 191 -40.94 -3.82 14.71
C GLU A 191 -40.01 -4.67 13.87
N ILE A 192 -39.63 -5.83 14.38
CA ILE A 192 -38.88 -6.80 13.59
C ILE A 192 -39.83 -7.57 12.69
N ARG A 193 -39.47 -7.73 11.42
CA ARG A 193 -40.23 -8.56 10.51
C ARG A 193 -39.30 -9.53 9.81
N GLY A 194 -39.56 -10.83 9.95
CA GLY A 194 -38.69 -11.80 9.34
C GLY A 194 -37.47 -12.08 10.21
N TYR A 195 -36.38 -12.40 9.55
CA TYR A 195 -35.18 -12.89 10.23
C TYR A 195 -34.24 -11.72 10.50
N VAL A 196 -34.41 -11.13 11.69
CA VAL A 196 -33.56 -10.05 12.21
C VAL A 196 -33.38 -10.42 13.67
N ILE A 197 -32.14 -10.44 14.13
CA ILE A 197 -31.79 -10.85 15.48
C ILE A 197 -31.08 -9.71 16.19
N ILE A 198 -31.44 -9.45 17.43
CA ILE A 198 -30.73 -8.46 18.22
C ILE A 198 -29.60 -9.15 18.97
N LYS A 199 -28.39 -8.61 18.83
CA LYS A 199 -27.20 -9.15 19.47
C LYS A 199 -26.38 -8.03 20.08
N PRO A 200 -25.47 -8.34 21.01
CA PRO A 200 -24.53 -7.34 21.48
C PRO A 200 -23.69 -6.83 20.33
N LEU A 201 -23.31 -5.55 20.40
CA LEU A 201 -22.38 -4.91 19.48
C LEU A 201 -20.98 -5.30 19.92
N VAL A 202 -20.27 -6.08 19.10
CA VAL A 202 -18.95 -6.54 19.52
C VAL A 202 -17.83 -5.96 18.72
N TRP A 203 -18.18 -5.15 17.72
CA TRP A 203 -17.18 -4.62 16.79
C TRP A 203 -16.86 -3.15 16.94
N VAL A 204 -17.43 -2.47 17.91
CA VAL A 204 -16.76 -1.19 18.22
C VAL A 204 -15.57 -1.41 19.17
N HIS B 1 -6.12 -37.52 25.38
CA HIS B 1 -5.22 -37.82 26.51
C HIS B 1 -3.77 -37.45 26.21
N THR B 2 -3.53 -36.63 25.18
CA THR B 2 -2.20 -36.13 24.89
C THR B 2 -2.18 -34.61 24.98
N ASP B 3 -1.16 -34.07 25.63
CA ASP B 3 -1.08 -32.63 25.82
C ASP B 3 -0.17 -32.09 24.69
N LEU B 4 -0.79 -31.42 23.72
CA LEU B 4 -0.03 -30.88 22.58
C LEU B 4 0.34 -29.40 22.76
N SER B 5 0.31 -28.90 23.99
CA SER B 5 0.76 -27.55 24.26
C SER B 5 2.10 -27.29 23.59
N GLY B 6 2.17 -26.18 22.85
CA GLY B 6 3.40 -25.77 22.20
C GLY B 6 3.75 -26.52 20.92
N LYS B 7 2.83 -27.37 20.46
CA LYS B 7 3.07 -28.20 19.27
C LYS B 7 1.96 -27.98 18.25
N VAL B 8 2.28 -28.31 17.03
CA VAL B 8 1.35 -28.29 15.91
C VAL B 8 1.33 -29.61 15.15
N PHE B 9 0.24 -29.85 14.43
CA PHE B 9 0.25 -30.86 13.36
C PHE B 9 0.72 -30.20 12.09
N VAL B 10 1.70 -30.82 11.42
CA VAL B 10 2.18 -30.39 10.11
C VAL B 10 1.71 -31.38 9.06
N PHE B 11 0.94 -30.88 8.11
CA PHE B 11 0.45 -31.64 6.96
C PHE B 11 1.38 -31.17 5.84
N PRO B 12 2.48 -31.89 5.57
CA PRO B 12 3.57 -31.28 4.81
C PRO B 12 3.44 -31.35 3.30
N ARG B 13 2.41 -32.02 2.76
CA ARG B 13 2.27 -32.15 1.33
C ARG B 13 0.82 -32.40 0.99
N GLU B 14 0.43 -32.02 -0.22
CA GLU B 14 -0.88 -32.29 -0.74
C GLU B 14 -1.03 -33.77 -1.01
N SER B 15 -2.20 -34.29 -0.68
CA SER B 15 -2.49 -35.71 -0.85
C SER B 15 -3.99 -35.92 -0.72
N VAL B 16 -4.46 -37.12 -1.02
CA VAL B 16 -5.84 -37.50 -0.76
C VAL B 16 -5.93 -38.42 0.46
N THR B 17 -4.88 -38.53 1.23
CA THR B 17 -4.78 -39.45 2.33
CA THR B 17 -4.90 -39.43 2.37
C THR B 17 -4.43 -38.88 3.71
N ASP B 18 -3.49 -37.94 3.74
CA ASP B 18 -2.93 -37.49 5.01
C ASP B 18 -3.97 -36.77 5.84
N HIS B 19 -4.19 -37.20 7.08
CA HIS B 19 -5.20 -36.57 7.92
C HIS B 19 -5.01 -36.93 9.37
N VAL B 20 -5.69 -36.18 10.22
CA VAL B 20 -5.79 -36.51 11.64
C VAL B 20 -7.26 -36.68 11.99
N ASN B 21 -7.59 -37.78 12.67
CA ASN B 21 -8.92 -37.90 13.26
C ASN B 21 -8.90 -37.36 14.67
N LEU B 22 -9.87 -36.53 14.99
CA LEU B 22 -10.02 -36.00 16.35
C LEU B 22 -11.21 -36.69 17.01
N ILE B 23 -11.01 -37.20 18.21
CA ILE B 23 -12.02 -38.03 18.86
C ILE B 23 -12.56 -37.31 20.09
N THR B 24 -13.87 -37.03 20.12
CA THR B 24 -14.50 -36.49 21.30
C THR B 24 -15.32 -37.63 21.98
N PRO B 25 -15.30 -37.66 23.32
CA PRO B 25 -16.16 -38.60 24.07
C PRO B 25 -17.45 -37.95 24.43
N LEU B 26 -17.55 -36.65 24.20
CA LEU B 26 -18.80 -36.00 24.53
C LEU B 26 -19.67 -36.41 23.41
N GLU B 27 -20.74 -37.10 23.71
CA GLU B 27 -21.60 -37.57 22.64
C GLU B 27 -22.97 -36.97 22.85
N LYS B 28 -23.27 -35.99 22.02
CA LYS B 28 -24.54 -35.32 22.09
C LYS B 28 -24.70 -34.45 20.88
N PRO B 29 -25.93 -34.20 20.48
CA PRO B 29 -26.16 -33.19 19.43
C PRO B 29 -25.70 -31.84 19.93
N LEU B 30 -25.33 -30.96 19.00
CA LEU B 30 -24.91 -29.62 19.38
C LEU B 30 -25.94 -28.57 19.01
N GLN B 31 -26.37 -27.84 20.03
CA GLN B 31 -27.20 -26.68 19.81
C GLN B 31 -26.35 -25.42 19.77
N ASN B 32 -25.26 -25.41 20.53
CA ASN B 32 -24.33 -24.27 20.59
C ASN B 32 -22.93 -24.85 20.49
N PHE B 33 -22.01 -24.17 19.80
CA PHE B 33 -20.61 -24.53 19.91
C PHE B 33 -19.74 -23.34 19.59
N THR B 34 -18.49 -23.44 20.00
CA THR B 34 -17.42 -22.54 19.58
C THR B 34 -16.22 -23.41 19.27
N LEU B 35 -15.52 -23.13 18.17
CA LEU B 35 -14.31 -23.82 17.79
C LEU B 35 -13.23 -22.79 17.51
N CYS B 36 -12.07 -22.94 18.11
CA CYS B 36 -10.91 -22.02 17.94
C CYS B 36 -9.71 -22.87 17.56
N PHE B 37 -8.86 -22.34 16.70
CA PHE B 37 -7.60 -22.97 16.36
C PHE B 37 -6.71 -21.97 15.63
N ARG B 38 -5.42 -22.29 15.53
CA ARG B 38 -4.47 -21.53 14.77
C ARG B 38 -4.07 -22.31 13.52
N ALA B 39 -3.86 -21.62 12.41
CA ALA B 39 -3.48 -22.29 11.17
C ALA B 39 -2.47 -21.44 10.43
N TYR B 40 -1.60 -22.09 9.69
CA TYR B 40 -0.61 -21.41 8.86
C TYR B 40 -0.44 -22.21 7.59
N SER B 41 -0.86 -21.64 6.48
CA SER B 41 -0.82 -22.28 5.17
C SER B 41 -0.51 -21.28 4.12
N ASP B 42 0.21 -21.69 3.07
CA ASP B 42 0.41 -20.82 1.92
C ASP B 42 -0.30 -21.31 0.67
N LEU B 43 -1.35 -22.11 0.84
CA LEU B 43 -2.20 -22.45 -0.28
C LEU B 43 -3.04 -21.23 -0.67
N SER B 44 -3.25 -21.09 -1.98
CA SER B 44 -4.20 -20.11 -2.51
C SER B 44 -5.54 -20.73 -2.94
N ARG B 45 -5.50 -22.00 -3.28
CA ARG B 45 -6.72 -22.73 -3.65
C ARG B 45 -7.56 -22.94 -2.39
N ALA B 46 -8.80 -23.39 -2.60
CA ALA B 46 -9.67 -23.66 -1.49
C ALA B 46 -9.18 -24.86 -0.70
N TYR B 47 -9.55 -24.88 0.57
CA TYR B 47 -9.24 -26.02 1.43
C TYR B 47 -10.12 -26.10 2.64
N SER B 48 -10.27 -27.30 3.17
CA SER B 48 -10.95 -27.52 4.41
C SER B 48 -10.04 -27.29 5.61
N LEU B 49 -10.57 -26.57 6.61
CA LEU B 49 -9.92 -26.43 7.89
C LEU B 49 -10.35 -27.45 8.95
N PHE B 50 -11.65 -27.71 9.01
CA PHE B 50 -12.20 -28.60 10.05
C PHE B 50 -13.46 -29.24 9.48
N SER B 51 -13.43 -30.57 9.38
CA SER B 51 -14.49 -31.31 8.73
C SER B 51 -15.17 -32.27 9.72
N TYR B 52 -16.46 -32.08 9.94
CA TYR B 52 -17.26 -32.89 10.89
C TYR B 52 -18.47 -33.43 10.12
N ASN B 53 -18.42 -34.75 9.88
CA ASN B 53 -19.48 -35.46 9.20
C ASN B 53 -20.10 -36.47 10.15
N THR B 54 -21.38 -36.74 9.93
CA THR B 54 -22.06 -37.81 10.68
C THR B 54 -22.58 -38.86 9.71
N GLN B 55 -23.06 -39.99 10.25
CA GLN B 55 -23.45 -41.11 9.37
C GLN B 55 -24.54 -40.67 8.41
N GLY B 56 -24.25 -40.81 7.12
CA GLY B 56 -25.15 -40.43 6.05
C GLY B 56 -25.35 -38.93 5.85
N ARG B 57 -24.55 -38.13 6.53
CA ARG B 57 -24.69 -36.68 6.41
CA ARG B 57 -24.69 -36.66 6.50
C ARG B 57 -23.35 -35.98 6.17
N ASP B 58 -23.20 -35.47 4.96
CA ASP B 58 -22.02 -34.72 4.57
C ASP B 58 -22.16 -33.29 5.05
N ASN B 59 -21.01 -32.67 5.27
CA ASN B 59 -20.97 -31.24 5.60
C ASN B 59 -21.88 -30.86 6.78
N GLU B 60 -21.87 -31.70 7.80
CA GLU B 60 -22.71 -31.48 8.96
C GLU B 60 -22.20 -30.25 9.77
N LEU B 61 -20.87 -30.12 9.87
CA LEU B 61 -20.25 -28.91 10.42
C LEU B 61 -18.91 -28.85 9.71
N LEU B 62 -18.72 -27.81 8.91
CA LEU B 62 -17.51 -27.70 8.11
C LEU B 62 -17.02 -26.26 8.12
N VAL B 63 -15.75 -26.08 8.42
CA VAL B 63 -15.08 -24.77 8.32
C VAL B 63 -14.16 -24.84 7.11
N TYR B 64 -14.43 -23.99 6.14
CA TYR B 64 -13.85 -24.10 4.83
C TYR B 64 -13.29 -22.75 4.39
N LYS B 65 -12.07 -22.75 3.86
CA LYS B 65 -11.44 -21.52 3.36
C LYS B 65 -11.59 -21.47 1.88
N GLU B 66 -12.42 -20.54 1.44
CA GLU B 66 -12.79 -20.44 0.03
C GLU B 66 -11.65 -19.91 -0.85
N ARG B 67 -10.97 -18.92 -0.31
CA ARG B 67 -9.94 -18.14 -0.98
C ARG B 67 -9.44 -17.18 0.08
N VAL B 68 -8.36 -16.47 -0.21
CA VAL B 68 -7.84 -15.50 0.70
C VAL B 68 -8.97 -14.53 1.15
N GLY B 69 -9.01 -14.30 2.43
CA GLY B 69 -9.95 -13.34 3.01
C GLY B 69 -11.38 -13.83 3.14
N GLU B 70 -11.65 -15.11 2.88
CA GLU B 70 -13.04 -15.57 2.91
C GLU B 70 -13.17 -16.90 3.63
N TYR B 71 -13.97 -16.87 4.67
CA TYR B 71 -14.19 -18.04 5.53
C TYR B 71 -15.64 -18.44 5.48
N SER B 72 -15.86 -19.76 5.34
CA SER B 72 -17.24 -20.29 5.33
C SER B 72 -17.46 -21.27 6.43
N LEU B 73 -18.69 -21.26 6.93
CA LEU B 73 -19.16 -22.27 7.88
C LEU B 73 -20.35 -22.96 7.24
N TYR B 74 -20.28 -24.29 7.22
CA TYR B 74 -21.45 -25.11 6.90
C TYR B 74 -22.03 -25.68 8.17
N ILE B 75 -23.36 -25.60 8.30
CA ILE B 75 -24.12 -26.31 9.32
C ILE B 75 -25.19 -27.12 8.58
N GLY B 76 -25.16 -28.44 8.71
CA GLY B 76 -26.19 -29.24 8.07
C GLY B 76 -26.38 -28.93 6.60
N ARG B 77 -25.28 -28.88 5.86
CA ARG B 77 -25.25 -28.66 4.42
C ARG B 77 -25.54 -27.25 3.95
N HIS B 78 -25.99 -26.38 4.85
CA HIS B 78 -26.21 -24.97 4.47
C HIS B 78 -24.94 -24.20 4.84
N LYS B 79 -24.69 -23.09 4.16
CA LYS B 79 -23.46 -22.35 4.46
C LYS B 79 -23.67 -20.87 4.54
N VAL B 80 -22.74 -20.28 5.28
CA VAL B 80 -22.55 -18.84 5.29
C VAL B 80 -21.07 -18.55 5.04
N THR B 81 -20.79 -17.32 4.57
CA THR B 81 -19.41 -16.91 4.26
C THR B 81 -19.25 -15.46 4.73
N SER B 82 -18.14 -15.16 5.40
CA SER B 82 -17.78 -13.78 5.76
C SER B 82 -16.37 -13.47 5.35
N LYS B 83 -16.14 -12.19 5.11
CA LYS B 83 -14.90 -11.71 4.56
C LYS B 83 -14.07 -10.92 5.58
N VAL B 84 -12.77 -10.88 5.37
CA VAL B 84 -11.85 -10.17 6.25
C VAL B 84 -10.62 -9.74 5.47
N ILE B 85 -10.05 -8.61 5.89
CA ILE B 85 -8.76 -8.19 5.42
C ILE B 85 -7.65 -9.00 6.14
N GLU B 86 -6.85 -9.71 5.32
CA GLU B 86 -5.71 -10.45 5.85
CA GLU B 86 -5.71 -10.46 5.84
C GLU B 86 -4.54 -10.39 4.89
N LYS B 87 -3.33 -10.52 5.45
CA LYS B 87 -2.10 -10.64 4.68
C LYS B 87 -2.00 -12.07 4.17
N PHE B 88 -1.26 -12.25 3.09
CA PHE B 88 -1.04 -13.59 2.55
C PHE B 88 0.40 -13.76 2.12
N PRO B 89 1.05 -14.85 2.55
CA PRO B 89 0.62 -15.79 3.58
C PRO B 89 0.78 -15.19 4.97
N ALA B 90 0.00 -15.69 5.91
CA ALA B 90 0.15 -15.30 7.29
C ALA B 90 -0.48 -16.30 8.22
N PRO B 91 0.12 -16.50 9.38
CA PRO B 91 -0.55 -17.24 10.45
C PRO B 91 -1.85 -16.58 10.81
N VAL B 92 -2.82 -17.38 11.21
CA VAL B 92 -4.10 -16.86 11.61
C VAL B 92 -4.62 -17.60 12.84
N HIS B 93 -5.39 -16.90 13.67
CA HIS B 93 -6.17 -17.52 14.73
C HIS B 93 -7.61 -17.36 14.33
N ILE B 94 -8.31 -18.48 14.27
CA ILE B 94 -9.70 -18.52 13.82
C ILE B 94 -10.58 -19.02 14.94
N CYS B 95 -11.65 -18.30 15.26
CA CYS B 95 -12.68 -18.82 16.12
C CYS B 95 -13.98 -18.72 15.36
N VAL B 96 -14.85 -19.72 15.51
CA VAL B 96 -16.19 -19.62 14.98
C VAL B 96 -17.17 -20.21 15.96
N SER B 97 -18.27 -19.52 16.18
CA SER B 97 -19.36 -20.06 17.05
C SER B 97 -20.64 -20.09 16.26
N TRP B 98 -21.55 -20.93 16.71
CA TRP B 98 -22.88 -21.01 16.15
C TRP B 98 -23.90 -21.32 17.24
N GLU B 99 -25.04 -20.67 17.14
CA GLU B 99 -26.10 -20.73 18.16
C GLU B 99 -27.40 -21.13 17.45
N SER B 100 -27.89 -22.34 17.70
CA SER B 100 -29.12 -22.78 17.05
C SER B 100 -30.32 -21.86 17.25
N SER B 101 -30.49 -21.36 18.47
CA SER B 101 -31.70 -20.62 18.77
C SER B 101 -31.90 -19.43 17.85
N SER B 102 -30.80 -18.77 17.50
CA SER B 102 -30.83 -17.65 16.58
C SER B 102 -30.38 -17.92 15.16
N GLY B 103 -29.65 -19.03 15.00
CA GLY B 103 -28.95 -19.35 13.77
C GLY B 103 -27.66 -18.58 13.55
N ILE B 104 -27.27 -17.74 14.51
CA ILE B 104 -26.13 -16.83 14.26
C ILE B 104 -24.79 -17.53 14.34
N ALA B 105 -24.01 -17.33 13.28
CA ALA B 105 -22.62 -17.71 13.20
C ALA B 105 -21.70 -16.51 13.34
N GLU B 106 -20.72 -16.61 14.22
CA GLU B 106 -19.72 -15.56 14.45
C GLU B 106 -18.34 -16.08 14.16
N PHE B 107 -17.69 -15.53 13.14
CA PHE B 107 -16.26 -15.75 12.93
C PHE B 107 -15.46 -14.63 13.58
N TRP B 108 -14.33 -14.99 14.16
CA TRP B 108 -13.35 -14.05 14.73
C TRP B 108 -11.99 -14.42 14.15
N ILE B 109 -11.32 -13.47 13.53
CA ILE B 109 -10.04 -13.73 12.89
C ILE B 109 -9.02 -12.87 13.59
N ASN B 110 -8.01 -13.48 14.16
CA ASN B 110 -7.02 -12.75 14.99
C ASN B 110 -7.64 -11.84 16.01
N GLY B 111 -8.70 -12.33 16.63
CA GLY B 111 -9.39 -11.60 17.69
C GLY B 111 -10.33 -10.50 17.24
N THR B 112 -10.51 -10.35 15.92
CA THR B 112 -11.43 -9.35 15.39
C THR B 112 -12.66 -10.01 14.79
N PRO B 113 -13.83 -9.49 15.16
CA PRO B 113 -15.09 -10.10 14.71
C PRO B 113 -15.40 -9.77 13.26
N LEU B 114 -15.82 -10.78 12.51
CA LEU B 114 -16.37 -10.62 11.17
C LEU B 114 -17.85 -10.31 11.26
N VAL B 115 -18.45 -9.95 10.13
CA VAL B 115 -19.88 -9.70 10.11
C VAL B 115 -20.62 -11.00 10.45
N LYS B 116 -21.58 -10.93 11.37
CA LYS B 116 -22.40 -12.09 11.71
C LYS B 116 -23.26 -12.48 10.52
N LYS B 117 -23.50 -13.79 10.37
CA LYS B 117 -24.43 -14.31 9.36
C LYS B 117 -25.28 -15.37 10.07
N GLY B 118 -26.33 -15.85 9.44
CA GLY B 118 -27.21 -16.80 10.12
C GLY B 118 -27.70 -17.89 9.20
N LEU B 119 -27.79 -19.06 9.78
CA LEU B 119 -28.23 -20.26 9.08
C LEU B 119 -28.75 -21.30 10.06
N ARG B 120 -29.65 -22.14 9.54
CA ARG B 120 -30.12 -23.30 10.27
C ARG B 120 -30.68 -23.02 11.67
N GLN B 121 -31.40 -21.90 11.81
CA GLN B 121 -32.01 -21.59 13.08
C GLN B 121 -32.94 -22.76 13.49
N GLY B 122 -32.74 -23.21 14.71
CA GLY B 122 -33.52 -24.31 15.30
C GLY B 122 -33.02 -25.71 15.05
N TYR B 123 -31.99 -25.85 14.20
CA TYR B 123 -31.41 -27.12 13.88
C TYR B 123 -30.49 -27.57 15.01
N PHE B 124 -30.28 -28.89 15.10
CA PHE B 124 -29.30 -29.45 16.01
C PHE B 124 -28.24 -30.17 15.17
N VAL B 125 -26.99 -29.78 15.34
CA VAL B 125 -25.89 -30.51 14.71
C VAL B 125 -25.85 -31.92 15.25
N GLU B 126 -25.82 -32.91 14.36
CA GLU B 126 -25.94 -34.30 14.78
C GLU B 126 -24.77 -34.76 15.59
N ALA B 127 -25.06 -35.70 16.49
CA ALA B 127 -24.07 -36.33 17.33
C ALA B 127 -23.28 -37.42 16.60
N GLN B 128 -22.24 -37.92 17.27
CA GLN B 128 -21.42 -39.04 16.78
C GLN B 128 -20.73 -38.74 15.47
N PRO B 129 -19.91 -37.67 15.49
CA PRO B 129 -19.20 -37.32 14.26
C PRO B 129 -17.94 -38.13 14.07
N LYS B 130 -17.47 -38.11 12.83
CA LYS B 130 -16.06 -38.26 12.54
C LYS B 130 -15.54 -36.84 12.25
N ILE B 131 -14.46 -36.47 12.94
CA ILE B 131 -13.90 -35.14 12.85
C ILE B 131 -12.50 -35.29 12.28
N VAL B 132 -12.24 -34.59 11.18
CA VAL B 132 -10.98 -34.73 10.45
C VAL B 132 -10.34 -33.37 10.21
N LEU B 133 -9.03 -33.34 10.47
CA LEU B 133 -8.14 -32.27 10.01
C LEU B 133 -7.31 -32.78 8.85
N GLY B 134 -7.07 -31.90 7.87
CA GLY B 134 -6.18 -32.25 6.77
C GLY B 134 -6.88 -32.56 5.47
N GLN B 135 -8.12 -33.02 5.58
CA GLN B 135 -8.94 -33.41 4.42
C GLN B 135 -10.39 -33.02 4.64
N GLU B 136 -11.12 -32.86 3.55
CA GLU B 136 -12.55 -32.59 3.56
C GLU B 136 -13.24 -33.94 3.35
N GLN B 137 -14.09 -34.35 4.29
CA GLN B 137 -14.86 -35.61 4.15
C GLN B 137 -16.02 -35.45 3.21
N ASP B 138 -16.30 -36.49 2.39
CA ASP B 138 -17.59 -36.61 1.69
C ASP B 138 -18.36 -37.85 2.15
N SER B 139 -17.78 -38.66 3.01
CA SER B 139 -18.47 -39.79 3.64
C SER B 139 -18.22 -39.77 5.14
N TYR B 140 -18.67 -40.77 5.86
CA TYR B 140 -18.47 -40.83 7.28
C TYR B 140 -17.08 -41.35 7.55
N GLY B 141 -16.12 -40.42 7.60
CA GLY B 141 -14.74 -40.76 7.82
C GLY B 141 -13.86 -40.73 6.60
N GLY B 142 -14.39 -40.48 5.43
CA GLY B 142 -13.59 -40.65 4.24
C GLY B 142 -14.05 -39.90 3.01
N LYS B 143 -13.79 -40.49 1.85
N LYS B 143 -13.73 -40.44 1.84
CA LYS B 143 -14.07 -39.89 0.56
CA LYS B 143 -14.11 -39.86 0.55
C LYS B 143 -13.51 -38.47 0.52
C LYS B 143 -13.49 -38.46 0.35
N PHE B 144 -12.20 -38.42 0.63
CA PHE B 144 -11.41 -37.20 0.60
C PHE B 144 -11.17 -36.73 -0.83
N ASP B 145 -10.61 -35.54 -1.00
CA ASP B 145 -10.39 -34.91 -2.30
C ASP B 145 -9.11 -34.11 -2.20
N ARG B 146 -8.07 -34.50 -2.94
CA ARG B 146 -6.79 -33.82 -2.83
C ARG B 146 -6.88 -32.33 -3.09
N SER B 147 -7.82 -31.89 -3.92
CA SER B 147 -7.95 -30.47 -4.24
C SER B 147 -8.60 -29.65 -3.13
N GLN B 148 -8.97 -30.33 -2.04
CA GLN B 148 -9.50 -29.68 -0.85
C GLN B 148 -8.63 -29.91 0.36
N SER B 149 -7.52 -30.62 0.19
CA SER B 149 -6.67 -30.99 1.29
C SER B 149 -5.98 -29.77 1.88
N PHE B 150 -5.70 -29.85 3.18
CA PHE B 150 -5.00 -28.77 3.87
C PHE B 150 -3.52 -29.10 3.92
N VAL B 151 -2.71 -28.17 3.46
CA VAL B 151 -1.26 -28.26 3.56
C VAL B 151 -0.79 -27.12 4.42
N GLY B 152 -0.02 -27.42 5.46
CA GLY B 152 0.43 -26.39 6.39
C GLY B 152 0.33 -26.91 7.80
N GLU B 153 0.13 -26.00 8.74
CA GLU B 153 0.21 -26.33 10.16
C GLU B 153 -1.05 -25.89 10.91
N ILE B 154 -1.51 -26.71 11.85
CA ILE B 154 -2.63 -26.37 12.72
C ILE B 154 -2.25 -26.64 14.16
N GLY B 155 -2.59 -25.72 15.05
CA GLY B 155 -2.38 -25.93 16.46
C GLY B 155 -3.43 -25.26 17.32
N ASP B 156 -3.27 -25.42 18.63
CA ASP B 156 -4.11 -24.74 19.62
C ASP B 156 -5.58 -24.86 19.33
N LEU B 157 -6.02 -26.09 19.07
CA LEU B 157 -7.43 -26.33 18.78
C LEU B 157 -8.26 -26.66 20.01
N TYR B 158 -9.37 -25.96 20.15
CA TYR B 158 -10.30 -26.12 21.28
C TYR B 158 -11.72 -26.05 20.76
N MET B 159 -12.63 -26.85 21.32
CA MET B 159 -14.03 -26.81 20.90
C MET B 159 -14.88 -26.92 22.19
N TRP B 160 -15.81 -25.99 22.34
CA TRP B 160 -16.68 -25.89 23.51
C TRP B 160 -18.13 -26.08 23.06
N ASP B 161 -18.97 -26.64 23.93
CA ASP B 161 -20.41 -26.80 23.63
C ASP B 161 -21.23 -25.59 24.03
N SER B 162 -20.61 -24.42 24.00
CA SER B 162 -21.28 -23.16 24.25
C SER B 162 -20.78 -22.09 23.30
N VAL B 163 -21.49 -20.96 23.25
CA VAL B 163 -21.07 -19.80 22.51
C VAL B 163 -20.20 -18.90 23.39
N LEU B 164 -18.93 -18.76 23.03
CA LEU B 164 -18.02 -17.96 23.84
C LEU B 164 -18.29 -16.48 23.65
N PRO B 165 -18.31 -15.72 24.75
CA PRO B 165 -18.35 -14.25 24.63
C PRO B 165 -16.98 -13.70 24.21
N PRO B 166 -16.93 -12.44 23.79
CA PRO B 166 -15.70 -11.88 23.22
C PRO B 166 -14.49 -12.02 24.14
N GLU B 167 -14.69 -11.86 25.44
CA GLU B 167 -13.53 -11.88 26.31
C GLU B 167 -12.86 -13.28 26.30
N ASN B 168 -13.67 -14.33 26.14
CA ASN B 168 -13.13 -15.67 26.12
C ASN B 168 -12.47 -15.97 24.77
N ILE B 169 -13.00 -15.37 23.71
CA ILE B 169 -12.39 -15.46 22.39
CA ILE B 169 -12.38 -15.49 22.40
C ILE B 169 -11.00 -14.83 22.43
N LEU B 170 -10.91 -13.63 23.02
CA LEU B 170 -9.63 -12.95 23.12
CA LEU B 170 -9.63 -12.95 23.10
C LEU B 170 -8.63 -13.75 23.96
N SER B 171 -9.11 -14.35 25.05
CA SER B 171 -8.25 -15.24 25.85
C SER B 171 -7.67 -16.36 25.00
N ALA B 172 -8.49 -17.02 24.20
CA ALA B 172 -7.98 -18.07 23.33
C ALA B 172 -6.93 -17.52 22.35
N TYR B 173 -7.23 -16.39 21.73
CA TYR B 173 -6.30 -15.77 20.76
C TYR B 173 -4.96 -15.48 21.44
N GLN B 174 -5.03 -15.00 22.68
CA GLN B 174 -3.83 -14.64 23.41
C GLN B 174 -3.08 -15.81 24.02
N GLY B 175 -3.62 -17.00 23.91
CA GLY B 175 -2.93 -18.21 24.36
C GLY B 175 -3.29 -18.65 25.77
N THR B 176 -4.38 -18.11 26.33
CA THR B 176 -4.90 -18.53 27.62
C THR B 176 -6.38 -18.94 27.52
N PRO B 177 -6.69 -19.93 26.68
CA PRO B 177 -8.08 -20.36 26.54
C PRO B 177 -8.66 -20.98 27.80
N LEU B 178 -9.96 -20.78 27.95
CA LEU B 178 -10.69 -21.53 28.96
C LEU B 178 -10.70 -23.01 28.57
N PRO B 179 -10.54 -23.92 29.54
CA PRO B 179 -10.65 -25.35 29.25
C PRO B 179 -11.94 -25.65 28.47
N ALA B 180 -11.79 -26.58 27.53
CA ALA B 180 -12.81 -26.84 26.53
C ALA B 180 -13.27 -28.27 26.67
N ASN B 181 -14.56 -28.51 26.41
CA ASN B 181 -15.17 -29.78 26.76
C ASN B 181 -15.50 -30.72 25.61
N ILE B 182 -15.44 -30.24 24.37
CA ILE B 182 -15.64 -31.16 23.27
C ILE B 182 -14.27 -31.65 22.76
N LEU B 183 -13.36 -30.70 22.50
CA LEU B 183 -11.98 -30.99 22.09
C LEU B 183 -11.06 -30.04 22.80
N ASP B 184 -9.93 -30.53 23.27
CA ASP B 184 -9.00 -29.66 24.01
C ASP B 184 -7.58 -30.05 23.68
N TRP B 185 -6.80 -29.09 23.17
CA TRP B 185 -5.43 -29.30 22.75
C TRP B 185 -4.50 -29.83 23.83
N GLN B 186 -4.82 -29.53 25.10
CA GLN B 186 -4.04 -29.99 26.24
CA GLN B 186 -4.00 -29.98 26.21
C GLN B 186 -4.36 -31.40 26.68
N ALA B 187 -5.44 -31.96 26.13
CA ALA B 187 -5.85 -33.33 26.41
C ALA B 187 -6.63 -33.91 25.24
N LEU B 188 -5.88 -34.10 24.17
CA LEU B 188 -6.47 -34.45 22.90
C LEU B 188 -6.32 -35.93 22.59
N ASN B 189 -7.40 -36.52 22.10
CA ASN B 189 -7.43 -37.89 21.59
CA ASN B 189 -7.36 -37.88 21.58
C ASN B 189 -7.45 -37.81 20.07
N TYR B 190 -6.38 -38.26 19.44
CA TYR B 190 -6.26 -38.11 17.99
C TYR B 190 -5.64 -39.36 17.41
N GLU B 191 -5.82 -39.50 16.09
CA GLU B 191 -5.16 -40.54 15.29
C GLU B 191 -4.54 -39.93 14.07
N ILE B 192 -3.23 -40.05 13.91
CA ILE B 192 -2.57 -39.66 12.70
C ILE B 192 -2.70 -40.76 11.66
N ARG B 193 -3.06 -40.36 10.44
CA ARG B 193 -3.11 -41.28 9.30
C ARG B 193 -2.32 -40.70 8.14
N GLY B 194 -1.37 -41.45 7.61
CA GLY B 194 -0.54 -40.94 6.54
C GLY B 194 0.52 -39.99 7.07
N TYR B 195 0.90 -39.04 6.24
CA TYR B 195 2.05 -38.17 6.50
C TYR B 195 1.59 -36.91 7.22
N VAL B 196 1.64 -36.96 8.54
CA VAL B 196 1.37 -35.81 9.42
C VAL B 196 2.41 -35.92 10.49
N ILE B 197 3.10 -34.81 10.75
CA ILE B 197 4.21 -34.77 11.69
C ILE B 197 3.91 -33.77 12.79
N ILE B 198 4.17 -34.14 14.04
CA ILE B 198 4.06 -33.21 15.16
C ILE B 198 5.38 -32.47 15.37
N LYS B 199 5.30 -31.14 15.37
CA LYS B 199 6.47 -30.26 15.55
C LYS B 199 6.15 -29.17 16.54
N PRO B 200 7.18 -28.55 17.14
CA PRO B 200 6.92 -27.33 17.93
C PRO B 200 6.27 -26.24 17.09
N LEU B 201 5.42 -25.44 17.74
CA LEU B 201 4.80 -24.28 17.15
C LEU B 201 5.83 -23.16 17.21
N VAL B 202 6.34 -22.74 16.05
CA VAL B 202 7.40 -21.72 16.05
C VAL B 202 6.96 -20.35 15.53
N TRP B 203 5.71 -20.25 15.07
CA TRP B 203 5.22 -19.07 14.37
C TRP B 203 4.22 -18.24 15.18
N VAL B 204 3.89 -18.68 16.36
CA VAL B 204 3.38 -17.72 17.35
C VAL B 204 4.56 -17.31 18.23
N HIS C 1 39.78 -22.05 5.39
CA HIS C 1 41.05 -21.29 5.23
C HIS C 1 40.95 -19.78 5.09
N THR C 2 39.83 -19.20 4.63
CA THR C 2 39.71 -17.73 4.56
C THR C 2 38.55 -17.20 5.39
N ASP C 3 38.77 -16.16 6.17
CA ASP C 3 37.73 -15.51 6.97
C ASP C 3 37.10 -14.39 6.18
N LEU C 4 35.87 -14.61 5.73
CA LEU C 4 35.17 -13.64 4.92
C LEU C 4 34.22 -12.79 5.77
N SER C 5 34.37 -12.79 7.10
CA SER C 5 33.58 -11.87 7.95
C SER C 5 33.59 -10.46 7.36
N GLY C 6 32.39 -9.85 7.27
CA GLY C 6 32.28 -8.49 6.76
C GLY C 6 32.39 -8.34 5.26
N LYS C 7 32.43 -9.46 4.53
CA LYS C 7 32.68 -9.48 3.10
CA LYS C 7 32.61 -9.42 3.09
C LYS C 7 31.59 -10.31 2.39
N VAL C 8 31.41 -10.03 1.10
CA VAL C 8 30.50 -10.76 0.23
C VAL C 8 31.24 -11.21 -1.02
N PHE C 9 30.70 -12.25 -1.67
CA PHE C 9 30.99 -12.49 -3.07
C PHE C 9 30.06 -11.66 -3.92
N VAL C 10 30.61 -10.92 -4.88
CA VAL C 10 29.83 -10.14 -5.84
C VAL C 10 29.91 -10.85 -7.19
N PHE C 11 28.76 -11.32 -7.70
CA PHE C 11 28.64 -11.92 -9.04
C PHE C 11 28.11 -10.77 -9.90
N PRO C 12 28.99 -10.00 -10.57
CA PRO C 12 28.57 -8.68 -11.03
C PRO C 12 27.87 -8.62 -12.37
N ARG C 13 27.74 -9.77 -13.03
CA ARG C 13 27.09 -9.82 -14.34
C ARG C 13 26.44 -11.17 -14.55
N GLU C 14 25.49 -11.20 -15.47
CA GLU C 14 24.93 -12.45 -15.98
C GLU C 14 25.94 -13.16 -16.87
N SER C 15 26.03 -14.47 -16.68
CA SER C 15 26.98 -15.28 -17.43
C SER C 15 26.65 -16.75 -17.31
N VAL C 16 27.33 -17.58 -18.09
CA VAL C 16 27.26 -19.01 -17.87
C VAL C 16 28.54 -19.53 -17.25
N THR C 17 29.47 -18.63 -16.92
CA THR C 17 30.80 -19.03 -16.48
C THR C 17 31.17 -18.66 -15.04
N ASP C 18 30.62 -17.57 -14.53
CA ASP C 18 31.12 -17.04 -13.27
C ASP C 18 30.53 -17.82 -12.10
N HIS C 19 31.38 -18.34 -11.22
CA HIS C 19 30.92 -19.10 -10.08
C HIS C 19 31.96 -19.25 -8.99
N VAL C 20 31.51 -19.68 -7.82
CA VAL C 20 32.39 -20.05 -6.73
C VAL C 20 32.11 -21.49 -6.34
N ASN C 21 33.17 -22.30 -6.25
CA ASN C 21 33.08 -23.63 -5.67
C ASN C 21 33.37 -23.59 -4.19
N LEU C 22 32.49 -24.18 -3.40
CA LEU C 22 32.67 -24.27 -1.94
C LEU C 22 33.14 -25.66 -1.63
N ILE C 23 34.22 -25.76 -0.89
CA ILE C 23 34.83 -27.05 -0.60
CA ILE C 23 34.85 -27.03 -0.61
C ILE C 23 34.63 -27.46 0.84
N THR C 24 34.13 -28.68 1.02
CA THR C 24 33.94 -29.21 2.36
C THR C 24 34.26 -30.70 2.25
N PRO C 25 34.93 -31.24 3.25
CA PRO C 25 35.29 -32.66 3.28
C PRO C 25 34.14 -33.51 3.81
N LEU C 26 33.04 -33.55 3.07
CA LEU C 26 31.86 -34.24 3.53
C LEU C 26 31.80 -35.63 2.91
N GLU C 27 32.10 -36.64 3.72
CA GLU C 27 32.23 -37.98 3.22
C GLU C 27 31.06 -38.86 3.62
N LYS C 28 30.28 -38.38 4.59
CA LYS C 28 29.18 -39.16 5.11
C LYS C 28 27.87 -38.52 4.64
N PRO C 29 26.95 -39.35 4.13
CA PRO C 29 25.66 -38.80 3.69
C PRO C 29 24.99 -38.03 4.81
N LEU C 30 24.28 -36.97 4.44
CA LEU C 30 23.63 -36.06 5.39
C LEU C 30 22.22 -36.49 5.68
N GLN C 31 21.91 -36.61 6.96
CA GLN C 31 20.57 -36.93 7.41
C GLN C 31 19.84 -35.63 7.81
N ASN C 32 20.55 -34.67 8.38
CA ASN C 32 20.01 -33.40 8.87
C ASN C 32 20.93 -32.29 8.44
N PHE C 33 20.39 -31.13 8.09
CA PHE C 33 21.24 -29.98 7.86
C PHE C 33 20.46 -28.69 8.02
N THR C 34 21.20 -27.60 8.24
CA THR C 34 20.69 -26.24 8.12
C THR C 34 21.72 -25.45 7.32
N LEU C 35 21.23 -24.61 6.42
CA LEU C 35 22.03 -23.73 5.61
C LEU C 35 21.48 -22.30 5.75
N CYS C 36 22.32 -21.34 6.10
CA CYS C 36 21.90 -19.95 6.20
C CYS C 36 22.86 -19.11 5.38
N PHE C 37 22.35 -18.04 4.79
CA PHE C 37 23.17 -17.06 4.06
C PHE C 37 22.37 -15.79 3.82
N ARG C 38 23.04 -14.71 3.45
CA ARG C 38 22.40 -13.46 3.06
C ARG C 38 22.60 -13.28 1.58
N ALA C 39 21.59 -12.75 0.91
CA ALA C 39 21.71 -12.49 -0.54
C ALA C 39 21.05 -11.16 -0.91
N TYR C 40 21.54 -10.53 -1.96
CA TYR C 40 20.99 -9.28 -2.44
C TYR C 40 21.11 -9.28 -3.95
N SER C 41 19.97 -9.33 -4.62
CA SER C 41 19.90 -9.43 -6.07
C SER C 41 18.73 -8.64 -6.56
N ASP C 42 18.83 -8.01 -7.72
CA ASP C 42 17.65 -7.39 -8.32
C ASP C 42 17.19 -8.11 -9.60
N LEU C 43 17.53 -9.38 -9.72
CA LEU C 43 16.90 -10.24 -10.72
C LEU C 43 15.45 -10.51 -10.40
N SER C 44 14.64 -10.52 -11.45
CA SER C 44 13.24 -10.97 -11.35
C SER C 44 13.04 -12.38 -11.89
N ARG C 45 13.88 -12.80 -12.82
CA ARG C 45 13.82 -14.16 -13.32
C ARG C 45 14.25 -15.14 -12.23
N ALA C 46 14.05 -16.42 -12.50
CA ALA C 46 14.45 -17.48 -11.58
C ALA C 46 15.96 -17.58 -11.51
N TYR C 47 16.46 -18.01 -10.35
CA TYR C 47 17.91 -18.24 -10.21
C TYR C 47 18.21 -19.19 -9.08
N SER C 48 19.35 -19.84 -9.16
CA SER C 48 19.84 -20.72 -8.12
C SER C 48 20.62 -19.96 -7.07
N LEU C 49 20.31 -20.23 -5.81
CA LEU C 49 21.07 -19.67 -4.70
C LEU C 49 22.18 -20.58 -4.21
N PHE C 50 21.95 -21.89 -4.15
CA PHE C 50 22.95 -22.83 -3.64
C PHE C 50 22.71 -24.17 -4.31
N SER C 51 23.72 -24.63 -5.03
CA SER C 51 23.62 -25.82 -5.88
C SER C 51 24.58 -26.90 -5.41
N TYR C 52 24.08 -28.04 -4.99
CA TYR C 52 24.85 -29.17 -4.44
C TYR C 52 24.46 -30.40 -5.26
N ASN C 53 25.43 -30.88 -6.05
CA ASN C 53 25.24 -32.06 -6.88
C ASN C 53 26.27 -33.11 -6.49
N THR C 54 25.95 -34.39 -6.74
CA THR C 54 26.92 -35.45 -6.45
C THR C 54 27.05 -36.29 -7.72
N GLN C 55 27.94 -37.28 -7.68
CA GLN C 55 28.25 -37.96 -8.92
C GLN C 55 27.02 -38.74 -9.40
N GLY C 56 26.57 -38.43 -10.60
CA GLY C 56 25.40 -39.04 -11.18
C GLY C 56 24.06 -38.52 -10.66
N ARG C 57 24.10 -37.51 -9.82
CA ARG C 57 22.89 -36.98 -9.20
C ARG C 57 22.82 -35.47 -9.31
N ASP C 58 21.90 -35.01 -10.14
CA ASP C 58 21.62 -33.60 -10.27
C ASP C 58 20.53 -33.20 -9.28
N ASN C 59 20.58 -31.96 -8.82
CA ASN C 59 19.61 -31.42 -7.86
C ASN C 59 19.53 -32.24 -6.59
N GLU C 60 20.69 -32.65 -6.08
CA GLU C 60 20.73 -33.43 -4.87
C GLU C 60 20.35 -32.61 -3.64
N LEU C 61 20.82 -31.36 -3.59
CA LEU C 61 20.37 -30.40 -2.58
C LEU C 61 20.45 -29.07 -3.31
N LEU C 62 19.32 -28.40 -3.55
CA LEU C 62 19.32 -27.17 -4.31
C LEU C 62 18.38 -26.19 -3.65
N VAL C 63 18.83 -24.95 -3.44
CA VAL C 63 18.01 -23.85 -2.96
C VAL C 63 17.81 -22.92 -4.15
N TYR C 64 16.56 -22.74 -4.54
CA TYR C 64 16.24 -22.12 -5.80
C TYR C 64 15.18 -21.06 -5.60
N LYS C 65 15.37 -19.92 -6.22
CA LYS C 65 14.37 -18.86 -6.15
CA LYS C 65 14.41 -18.81 -6.16
C LYS C 65 13.60 -18.78 -7.45
N GLU C 66 12.33 -19.17 -7.35
CA GLU C 66 11.43 -19.32 -8.46
CA GLU C 66 11.52 -19.32 -8.56
C GLU C 66 11.04 -17.98 -9.09
N ARG C 67 10.69 -17.10 -8.19
CA ARG C 67 10.17 -15.78 -8.48
C ARG C 67 10.09 -15.05 -7.15
N VAL C 68 9.80 -13.76 -7.18
CA VAL C 68 9.68 -13.01 -5.95
C VAL C 68 8.68 -13.69 -4.99
N GLY C 69 9.10 -13.82 -3.74
CA GLY C 69 8.25 -14.35 -2.71
C GLY C 69 8.18 -15.85 -2.63
N GLU C 70 8.97 -16.59 -3.41
CA GLU C 70 8.84 -18.05 -3.47
C GLU C 70 10.20 -18.70 -3.43
N TYR C 71 10.40 -19.53 -2.40
CA TYR C 71 11.65 -20.23 -2.19
C TYR C 71 11.44 -21.73 -2.28
N SER C 72 12.30 -22.40 -3.03
CA SER C 72 12.23 -23.86 -3.15
C SER C 72 13.49 -24.57 -2.67
N LEU C 73 13.29 -25.74 -2.06
CA LEU C 73 14.34 -26.63 -1.68
C LEU C 73 14.10 -27.93 -2.43
N TYR C 74 15.14 -28.39 -3.11
CA TYR C 74 15.16 -29.72 -3.70
C TYR C 74 16.01 -30.64 -2.86
N ILE C 75 15.54 -31.85 -2.66
CA ILE C 75 16.27 -32.93 -2.02
C ILE C 75 16.16 -34.13 -2.97
N GLY C 76 17.28 -34.57 -3.53
CA GLY C 76 17.27 -35.73 -4.40
C GLY C 76 16.24 -35.61 -5.51
N ARG C 77 16.20 -34.44 -6.12
CA ARG C 77 15.34 -34.05 -7.26
C ARG C 77 13.89 -33.71 -6.95
N HIS C 78 13.42 -34.06 -5.77
CA HIS C 78 12.07 -33.71 -5.34
C HIS C 78 12.13 -32.33 -4.74
N LYS C 79 11.03 -31.60 -4.77
CA LYS C 79 11.05 -30.24 -4.24
C LYS C 79 9.88 -29.90 -3.36
N VAL C 80 10.10 -28.85 -2.57
CA VAL C 80 9.05 -28.18 -1.85
C VAL C 80 9.22 -26.68 -2.09
N THR C 81 8.14 -25.92 -2.00
CA THR C 81 8.19 -24.48 -2.21
C THR C 81 7.33 -23.80 -1.14
N SER C 82 7.85 -22.74 -0.52
CA SER C 82 7.05 -21.96 0.43
C SER C 82 7.13 -20.48 0.07
N LYS C 83 6.09 -19.77 0.43
CA LYS C 83 5.89 -18.37 0.04
C LYS C 83 6.06 -17.42 1.22
N VAL C 84 6.39 -16.17 0.88
CA VAL C 84 6.59 -15.14 1.89
C VAL C 84 6.34 -13.80 1.25
N ILE C 85 5.90 -12.86 2.08
CA ILE C 85 5.79 -11.47 1.70
C ILE C 85 7.16 -10.83 1.82
N GLU C 86 7.63 -10.27 0.71
CA GLU C 86 8.91 -9.58 0.68
CA GLU C 86 8.91 -9.56 0.70
C GLU C 86 8.85 -8.37 -0.24
N LYS C 87 9.69 -7.38 0.05
CA LYS C 87 9.89 -6.24 -0.83
CA LYS C 87 9.87 -6.26 -0.85
CA LYS C 87 9.89 -6.25 -0.84
C LYS C 87 10.83 -6.63 -1.97
N PHE C 88 10.78 -5.88 -3.06
CA PHE C 88 11.67 -6.16 -4.19
C PHE C 88 12.12 -4.85 -4.82
N PRO C 89 13.43 -4.66 -5.00
CA PRO C 89 14.55 -5.49 -4.52
C PRO C 89 14.76 -5.27 -3.05
N ALA C 90 15.28 -6.29 -2.36
CA ALA C 90 15.67 -6.14 -0.97
C ALA C 90 16.68 -7.20 -0.57
N PRO C 91 17.65 -6.82 0.27
CA PRO C 91 18.46 -7.85 0.92
C PRO C 91 17.60 -8.83 1.65
N VAL C 92 18.08 -10.06 1.76
CA VAL C 92 17.36 -11.08 2.48
C VAL C 92 18.34 -11.99 3.21
N HIS C 93 17.92 -12.46 4.36
CA HIS C 93 18.60 -13.52 5.09
C HIS C 93 17.74 -14.77 4.96
N ILE C 94 18.35 -15.83 4.49
CA ILE C 94 17.64 -17.10 4.23
C ILE C 94 18.27 -18.21 5.05
N CYS C 95 17.45 -18.97 5.77
CA CYS C 95 17.87 -20.21 6.44
C CYS C 95 16.95 -21.29 5.95
N VAL C 96 17.49 -22.45 5.64
CA VAL C 96 16.67 -23.61 5.36
C VAL C 96 17.23 -24.83 6.04
N SER C 97 16.36 -25.61 6.69
CA SER C 97 16.83 -26.84 7.30
C SER C 97 16.00 -27.98 6.74
N TRP C 98 16.53 -29.19 6.83
CA TRP C 98 15.80 -30.40 6.47
C TRP C 98 16.25 -31.54 7.38
N GLU C 99 15.28 -32.38 7.72
CA GLU C 99 15.46 -33.46 8.67
C GLU C 99 14.96 -34.75 7.98
N SER C 100 15.83 -35.71 7.69
CA SER C 100 15.39 -36.94 7.05
C SER C 100 14.31 -37.68 7.81
N SER C 101 14.41 -37.75 9.14
CA SER C 101 13.51 -38.63 9.89
C SER C 101 12.05 -38.25 9.70
N SER C 102 11.77 -36.96 9.58
CA SER C 102 10.43 -36.48 9.36
C SER C 102 10.16 -35.99 7.94
N GLY C 103 11.24 -35.73 7.19
CA GLY C 103 11.17 -35.12 5.89
C GLY C 103 10.91 -33.61 5.92
N ILE C 104 10.82 -33.02 7.11
CA ILE C 104 10.40 -31.62 7.21
C ILE C 104 11.50 -30.65 6.79
N ALA C 105 11.10 -29.72 5.91
CA ALA C 105 11.93 -28.61 5.44
C ALA C 105 11.39 -27.35 6.05
N GLU C 106 12.26 -26.58 6.71
CA GLU C 106 11.90 -25.30 7.29
C GLU C 106 12.65 -24.15 6.63
N PHE C 107 11.96 -23.27 5.92
CA PHE C 107 12.53 -22.00 5.49
C PHE C 107 12.27 -20.90 6.51
N TRP C 108 13.28 -20.08 6.75
CA TRP C 108 13.16 -18.87 7.57
C TRP C 108 13.69 -17.71 6.75
N ILE C 109 12.89 -16.68 6.54
CA ILE C 109 13.26 -15.53 5.74
C ILE C 109 13.30 -14.32 6.66
N ASN C 110 14.44 -13.67 6.76
CA ASN C 110 14.59 -12.54 7.70
C ASN C 110 14.11 -12.87 9.10
N GLY C 111 14.44 -14.08 9.54
CA GLY C 111 14.11 -14.48 10.90
C GLY C 111 12.65 -14.87 11.12
N THR C 112 11.85 -14.96 10.08
CA THR C 112 10.44 -15.32 10.22
C THR C 112 10.23 -16.67 9.53
N PRO C 113 9.51 -17.57 10.19
CA PRO C 113 9.38 -18.93 9.66
C PRO C 113 8.30 -18.97 8.57
N LEU C 114 8.63 -19.63 7.46
CA LEU C 114 7.63 -19.95 6.44
C LEU C 114 6.87 -21.19 6.87
N VAL C 115 5.84 -21.53 6.12
CA VAL C 115 5.09 -22.75 6.37
CA VAL C 115 5.10 -22.74 6.41
C VAL C 115 6.00 -23.93 6.14
N LYS C 116 6.02 -24.85 7.09
CA LYS C 116 6.78 -26.11 6.92
C LYS C 116 6.22 -26.96 5.80
N LYS C 117 7.11 -27.62 5.05
CA LYS C 117 6.71 -28.58 4.01
C LYS C 117 7.53 -29.82 4.24
N GLY C 118 7.24 -30.90 3.52
CA GLY C 118 7.98 -32.13 3.73
C GLY C 118 8.23 -32.89 2.46
N LEU C 119 9.38 -33.53 2.43
CA LEU C 119 9.77 -34.32 1.27
C LEU C 119 10.88 -35.30 1.67
N ARG C 120 10.93 -36.41 0.95
CA ARG C 120 12.04 -37.34 1.06
C ARG C 120 12.28 -37.90 2.45
N GLN C 121 11.21 -38.14 3.21
CA GLN C 121 11.36 -38.75 4.50
C GLN C 121 12.11 -40.08 4.37
N GLY C 122 13.13 -40.23 5.20
CA GLY C 122 13.98 -41.42 5.23
C GLY C 122 15.18 -41.40 4.29
N TYR C 123 15.24 -40.42 3.40
CA TYR C 123 16.34 -40.29 2.45
C TYR C 123 17.59 -39.74 3.12
N PHE C 124 18.77 -40.08 2.58
CA PHE C 124 20.02 -39.46 2.99
C PHE C 124 20.59 -38.69 1.79
N VAL C 125 20.90 -37.41 1.99
CA VAL C 125 21.54 -36.64 0.92
C VAL C 125 22.95 -37.19 0.68
N GLU C 126 23.27 -37.47 -0.56
CA GLU C 126 24.56 -38.11 -0.83
C GLU C 126 25.74 -37.24 -0.55
N ALA C 127 26.85 -37.90 -0.25
CA ALA C 127 28.09 -37.22 0.09
C ALA C 127 28.97 -36.95 -1.12
N GLN C 128 30.15 -36.41 -0.82
CA GLN C 128 31.13 -36.03 -1.84
CA GLN C 128 31.13 -36.03 -1.85
C GLN C 128 30.54 -35.08 -2.90
N PRO C 129 29.97 -33.95 -2.43
CA PRO C 129 29.33 -33.01 -3.33
C PRO C 129 30.30 -32.11 -4.06
N LYS C 130 29.84 -31.55 -5.15
CA LYS C 130 30.33 -30.27 -5.65
C LYS C 130 29.26 -29.25 -5.32
N ILE C 131 29.70 -28.18 -4.70
CA ILE C 131 28.84 -27.12 -4.20
C ILE C 131 29.20 -25.83 -4.90
N VAL C 132 28.23 -25.22 -5.57
CA VAL C 132 28.43 -24.07 -6.40
C VAL C 132 27.51 -22.91 -6.04
N LEU C 133 28.10 -21.72 -5.90
CA LEU C 133 27.37 -20.46 -5.87
C LEU C 133 27.53 -19.75 -7.20
N GLY C 134 26.48 -19.10 -7.68
CA GLY C 134 26.52 -18.28 -8.87
C GLY C 134 25.95 -18.93 -10.13
N GLN C 135 25.90 -20.26 -10.13
CA GLN C 135 25.35 -21.03 -11.24
C GLN C 135 24.61 -22.23 -10.66
N GLU C 136 23.69 -22.75 -11.46
CA GLU C 136 22.98 -23.97 -11.16
C GLU C 136 23.65 -25.12 -11.90
N GLN C 137 24.08 -26.12 -11.17
CA GLN C 137 24.73 -27.29 -11.86
C GLN C 137 23.71 -28.23 -12.48
N ASP C 138 24.01 -28.75 -13.67
CA ASP C 138 23.29 -29.94 -14.18
C ASP C 138 24.19 -31.18 -14.31
N SER C 139 25.46 -31.02 -13.98
CA SER C 139 26.36 -32.18 -13.92
C SER C 139 27.15 -32.13 -12.61
N TYR C 140 28.13 -32.98 -12.44
CA TYR C 140 28.93 -33.01 -11.22
C TYR C 140 30.01 -31.94 -11.36
N GLY C 141 29.65 -30.70 -11.01
CA GLY C 141 30.56 -29.58 -11.09
C GLY C 141 30.31 -28.59 -12.20
N GLY C 142 29.36 -28.86 -13.10
CA GLY C 142 29.22 -28.01 -14.26
C GLY C 142 27.86 -28.07 -14.95
N LYS C 143 27.86 -27.91 -16.28
CA LYS C 143 26.67 -27.82 -17.11
C LYS C 143 25.73 -26.75 -16.56
N PHE C 144 26.25 -25.53 -16.59
CA PHE C 144 25.57 -24.35 -16.10
C PHE C 144 24.62 -23.79 -17.16
N ASP C 145 23.76 -22.85 -16.74
CA ASP C 145 22.69 -22.28 -17.56
C ASP C 145 22.57 -20.80 -17.22
N ARG C 146 22.90 -19.95 -18.16
CA ARG C 146 22.88 -18.51 -17.94
C ARG C 146 21.55 -18.03 -17.37
N SER C 147 20.46 -18.68 -17.77
CA SER C 147 19.14 -18.22 -17.37
C SER C 147 18.83 -18.57 -15.93
N GLN C 148 19.72 -19.33 -15.28
CA GLN C 148 19.58 -19.67 -13.86
C GLN C 148 20.71 -19.07 -13.03
N SER C 149 21.57 -18.29 -13.66
CA SER C 149 22.72 -17.72 -12.94
C SER C 149 22.28 -16.70 -11.90
N PHE C 150 23.07 -16.59 -10.83
CA PHE C 150 22.80 -15.62 -9.80
C PHE C 150 23.66 -14.39 -10.03
N VAL C 151 23.02 -13.23 -10.12
CA VAL C 151 23.70 -11.94 -10.27
C VAL C 151 23.38 -11.16 -9.02
N GLY C 152 24.40 -10.68 -8.33
CA GLY C 152 24.19 -10.01 -7.07
C GLY C 152 25.24 -10.41 -6.06
N GLU C 153 24.87 -10.33 -4.78
CA GLU C 153 25.83 -10.47 -3.68
C GLU C 153 25.37 -11.55 -2.72
N ILE C 154 26.31 -12.37 -2.23
CA ILE C 154 26.04 -13.39 -1.21
C ILE C 154 27.05 -13.29 -0.13
N GLY C 155 26.59 -13.31 1.10
CA GLY C 155 27.52 -13.33 2.22
C GLY C 155 27.00 -14.15 3.38
N ASP C 156 27.80 -14.22 4.45
CA ASP C 156 27.38 -14.81 5.72
C ASP C 156 26.78 -16.22 5.54
N LEU C 157 27.49 -17.06 4.79
CA LEU C 157 27.01 -18.39 4.52
C LEU C 157 27.60 -19.39 5.53
N TYR C 158 26.69 -20.16 6.12
CA TYR C 158 27.03 -21.20 7.13
C TYR C 158 26.18 -22.42 6.89
N MET C 159 26.73 -23.60 7.14
CA MET C 159 26.00 -24.85 7.00
C MET C 159 26.37 -25.79 8.16
N TRP C 160 25.34 -26.31 8.81
CA TRP C 160 25.45 -27.17 9.97
C TRP C 160 24.91 -28.54 9.62
N ASP C 161 25.43 -29.60 10.23
CA ASP C 161 24.88 -30.95 10.05
C ASP C 161 23.76 -31.29 11.04
N SER C 162 22.99 -30.29 11.46
CA SER C 162 21.87 -30.48 12.33
C SER C 162 20.78 -29.48 11.96
N VAL C 163 19.60 -29.65 12.54
CA VAL C 163 18.49 -28.73 12.37
C VAL C 163 18.57 -27.67 13.47
N LEU C 164 18.83 -26.43 13.09
CA LEU C 164 18.89 -25.38 14.10
C LEU C 164 17.53 -25.10 14.70
N PRO C 165 17.49 -24.90 16.01
CA PRO C 165 16.24 -24.42 16.61
C PRO C 165 16.05 -22.94 16.38
N PRO C 166 14.84 -22.41 16.58
CA PRO C 166 14.53 -21.04 16.24
C PRO C 166 15.48 -20.00 16.80
N GLU C 167 15.90 -20.12 18.06
CA GLU C 167 16.73 -19.06 18.61
C GLU C 167 18.14 -19.09 18.03
N ASN C 168 18.56 -20.23 17.48
CA ASN C 168 19.86 -20.24 16.78
C ASN C 168 19.77 -19.68 15.35
N ILE C 169 18.61 -19.86 14.72
CA ILE C 169 18.32 -19.19 13.45
CA ILE C 169 18.37 -19.18 13.45
C ILE C 169 18.36 -17.68 13.66
N LEU C 170 17.68 -17.21 14.70
CA LEU C 170 17.67 -15.79 14.96
C LEU C 170 19.08 -15.25 15.25
N SER C 171 19.90 -16.03 15.95
CA SER C 171 21.27 -15.58 16.24
C SER C 171 22.00 -15.39 14.90
N ALA C 172 21.83 -16.32 13.95
CA ALA C 172 22.49 -16.18 12.65
C ALA C 172 21.94 -14.95 11.88
N TYR C 173 20.63 -14.75 11.91
CA TYR C 173 20.00 -13.61 11.25
C TYR C 173 20.61 -12.30 11.78
N GLN C 174 20.83 -12.26 13.10
CA GLN C 174 21.36 -11.06 13.76
C GLN C 174 22.86 -10.86 13.56
N GLY C 175 23.53 -11.83 12.95
CA GLY C 175 24.93 -11.68 12.63
C GLY C 175 25.85 -12.38 13.62
N THR C 176 25.27 -13.23 14.45
CA THR C 176 26.03 -14.01 15.44
C THR C 176 25.69 -15.51 15.36
N PRO C 177 25.97 -16.14 14.22
CA PRO C 177 25.73 -17.56 14.07
C PRO C 177 26.51 -18.43 15.07
N LEU C 178 25.88 -19.49 15.53
CA LEU C 178 26.57 -20.48 16.34
CA LEU C 178 26.52 -20.53 16.33
C LEU C 178 27.53 -21.26 15.45
N PRO C 179 28.53 -21.89 16.06
CA PRO C 179 29.55 -22.61 15.29
C PRO C 179 28.97 -23.60 14.32
N ALA C 180 29.49 -23.53 13.08
CA ALA C 180 29.01 -24.33 11.95
C ALA C 180 30.09 -25.28 11.46
N ASN C 181 29.71 -26.53 11.18
CA ASN C 181 30.68 -27.58 10.97
C ASN C 181 30.73 -28.16 9.58
N ILE C 182 29.86 -27.74 8.65
CA ILE C 182 30.01 -28.12 7.26
C ILE C 182 30.62 -27.01 6.39
N LEU C 183 30.05 -25.81 6.44
CA LEU C 183 30.59 -24.63 5.78
C LEU C 183 30.55 -23.49 6.77
N ASP C 184 31.59 -22.67 6.78
CA ASP C 184 31.72 -21.60 7.76
C ASP C 184 32.35 -20.40 7.10
N TRP C 185 31.59 -19.31 6.98
CA TRP C 185 32.05 -18.07 6.33
C TRP C 185 33.35 -17.52 6.94
N GLN C 186 33.56 -17.81 8.23
CA GLN C 186 34.76 -17.31 8.93
C GLN C 186 35.98 -18.21 8.74
N ALA C 187 35.82 -19.33 8.04
CA ALA C 187 36.94 -20.21 7.70
C ALA C 187 36.54 -21.07 6.50
N LEU C 188 36.45 -20.38 5.36
CA LEU C 188 35.83 -20.93 4.15
C LEU C 188 36.90 -21.32 3.16
N ASN C 189 36.77 -22.54 2.61
CA ASN C 189 37.64 -23.02 1.55
C ASN C 189 36.84 -22.89 0.25
N TYR C 190 37.30 -22.05 -0.66
CA TYR C 190 36.54 -21.78 -1.88
C TYR C 190 37.47 -21.59 -3.06
N GLU C 191 36.89 -21.59 -4.25
CA GLU C 191 37.57 -21.31 -5.50
C GLU C 191 36.73 -20.36 -6.32
N ILE C 192 37.24 -19.20 -6.66
CA ILE C 192 36.60 -18.29 -7.59
C ILE C 192 36.93 -18.70 -9.01
N ARG C 193 35.90 -18.78 -9.85
CA ARG C 193 36.09 -19.07 -11.26
C ARG C 193 35.38 -18.00 -12.06
N GLY C 194 36.09 -17.35 -12.96
CA GLY C 194 35.49 -16.28 -13.71
C GLY C 194 35.37 -15.00 -12.93
N TYR C 195 34.34 -14.23 -13.25
CA TYR C 195 34.19 -12.87 -12.71
C TYR C 195 33.37 -12.87 -11.43
N VAL C 196 34.07 -13.01 -10.31
CA VAL C 196 33.48 -12.92 -8.98
C VAL C 196 34.49 -12.08 -8.18
N ILE C 197 33.97 -11.06 -7.49
CA ILE C 197 34.80 -10.12 -6.75
C ILE C 197 34.42 -10.12 -5.29
N ILE C 198 35.40 -10.13 -4.39
CA ILE C 198 35.12 -10.03 -2.97
C ILE C 198 35.14 -8.56 -2.59
N LYS C 199 34.08 -8.12 -1.93
CA LYS C 199 33.95 -6.76 -1.46
C LYS C 199 33.39 -6.72 -0.05
N PRO C 200 33.53 -5.58 0.64
CA PRO C 200 32.87 -5.45 1.93
C PRO C 200 31.35 -5.56 1.80
N LEU C 201 30.75 -6.12 2.84
CA LEU C 201 29.30 -6.17 2.96
C LEU C 201 28.85 -4.80 3.42
N VAL C 202 28.09 -4.10 2.60
CA VAL C 202 27.66 -2.73 2.96
C VAL C 202 26.18 -2.58 3.19
N TRP C 203 25.42 -3.66 2.96
CA TRP C 203 23.96 -3.61 3.02
C TRP C 203 23.33 -4.27 4.23
N VAL C 204 24.12 -4.80 5.15
CA VAL C 204 23.51 -5.06 6.45
C VAL C 204 23.65 -3.84 7.38
N HIS D 1 35.76 30.48 -9.97
CA HIS D 1 34.68 29.50 -9.68
C HIS D 1 33.67 30.03 -8.67
N THR D 2 32.63 29.24 -8.43
CA THR D 2 31.45 29.74 -7.77
C THR D 2 30.98 28.77 -6.72
N ASP D 3 30.56 29.30 -5.60
CA ASP D 3 30.07 28.49 -4.49
C ASP D 3 28.56 28.43 -4.58
N LEU D 4 28.03 27.28 -5.04
CA LEU D 4 26.60 27.12 -5.21
C LEU D 4 25.96 26.46 -4.00
N SER D 5 26.61 26.49 -2.84
CA SER D 5 26.01 25.97 -1.62
C SER D 5 24.61 26.54 -1.43
N GLY D 6 23.65 25.64 -1.19
CA GLY D 6 22.29 26.05 -0.96
C GLY D 6 21.46 26.37 -2.18
N LYS D 7 22.03 26.12 -3.36
CA LYS D 7 21.44 26.49 -4.64
CA LYS D 7 21.41 26.49 -4.63
C LYS D 7 21.37 25.27 -5.54
N VAL D 8 20.46 25.33 -6.52
CA VAL D 8 20.30 24.30 -7.53
C VAL D 8 20.31 24.94 -8.90
N PHE D 9 20.66 24.15 -9.92
CA PHE D 9 20.30 24.47 -11.30
C PHE D 9 18.88 23.98 -11.56
N VAL D 10 18.05 24.87 -12.11
CA VAL D 10 16.69 24.54 -12.52
C VAL D 10 16.67 24.54 -14.06
N PHE D 11 16.34 23.38 -14.62
CA PHE D 11 16.13 23.18 -16.05
C PHE D 11 14.61 23.20 -16.20
N PRO D 12 14.03 24.38 -16.50
CA PRO D 12 12.59 24.51 -16.23
C PRO D 12 11.67 24.01 -17.32
N ARG D 13 12.24 23.51 -18.42
CA ARG D 13 11.42 23.05 -19.52
C ARG D 13 12.17 22.01 -20.35
N GLU D 14 11.40 21.21 -21.07
CA GLU D 14 11.96 20.30 -22.05
C GLU D 14 12.48 21.06 -23.27
N SER D 15 13.64 20.64 -23.75
CA SER D 15 14.29 21.30 -24.88
C SER D 15 15.39 20.42 -25.40
N VAL D 16 15.95 20.82 -26.53
CA VAL D 16 17.16 20.20 -27.05
C VAL D 16 18.34 21.13 -26.87
N THR D 17 18.12 22.31 -26.27
CA THR D 17 19.13 23.32 -26.17
C THR D 17 19.65 23.63 -24.77
N ASP D 18 18.81 23.50 -23.74
CA ASP D 18 19.15 24.01 -22.41
C ASP D 18 20.12 23.05 -21.74
N HIS D 19 21.27 23.56 -21.29
CA HIS D 19 22.24 22.72 -20.62
C HIS D 19 23.24 23.50 -19.81
N VAL D 20 24.00 22.80 -18.97
CA VAL D 20 25.11 23.38 -18.23
C VAL D 20 26.36 22.55 -18.56
N ASN D 21 27.45 23.23 -18.96
CA ASN D 21 28.74 22.57 -19.10
C ASN D 21 29.48 22.68 -17.78
N LEU D 22 30.04 21.57 -17.33
CA LEU D 22 30.86 21.54 -16.13
C LEU D 22 32.31 21.43 -16.54
N ILE D 23 33.13 22.33 -16.02
CA ILE D 23 34.52 22.43 -16.43
CA ILE D 23 34.52 22.43 -16.44
C ILE D 23 35.45 21.88 -15.36
N THR D 24 36.28 20.92 -15.75
CA THR D 24 37.28 20.36 -14.85
C THR D 24 38.55 20.16 -15.67
N PRO D 25 39.71 20.46 -15.08
CA PRO D 25 40.99 20.31 -15.78
C PRO D 25 41.49 18.88 -15.66
N LEU D 26 40.70 17.94 -16.15
CA LEU D 26 41.04 16.54 -16.01
C LEU D 26 41.87 16.09 -17.19
N GLU D 27 43.15 15.83 -16.93
CA GLU D 27 44.09 15.53 -17.99
C GLU D 27 44.52 14.08 -17.98
N LYS D 28 44.40 13.42 -16.83
CA LYS D 28 44.81 12.05 -16.68
C LYS D 28 43.56 11.16 -16.67
N PRO D 29 43.61 10.06 -17.42
CA PRO D 29 42.50 9.09 -17.44
C PRO D 29 42.15 8.67 -16.03
N LEU D 30 40.85 8.41 -15.82
CA LEU D 30 40.31 8.02 -14.53
C LEU D 30 40.27 6.51 -14.37
N GLN D 31 40.86 6.04 -13.28
CA GLN D 31 40.80 4.63 -12.88
C GLN D 31 39.66 4.40 -11.89
N ASN D 32 39.41 5.38 -11.03
CA ASN D 32 38.42 5.29 -9.95
C ASN D 32 37.69 6.60 -9.87
N PHE D 33 36.39 6.57 -9.54
CA PHE D 33 35.70 7.81 -9.25
C PHE D 33 34.45 7.53 -8.42
N THR D 34 33.97 8.60 -7.78
CA THR D 34 32.65 8.66 -7.17
C THR D 34 32.02 9.98 -7.60
N LEU D 35 30.74 9.93 -7.94
CA LEU D 35 29.95 11.08 -8.30
C LEU D 35 28.69 11.09 -7.47
N CYS D 36 28.40 12.19 -6.80
CA CYS D 36 27.19 12.35 -6.00
C CYS D 36 26.49 13.63 -6.39
N PHE D 37 25.15 13.63 -6.31
CA PHE D 37 24.37 14.83 -6.55
C PHE D 37 22.93 14.56 -6.06
N ARG D 38 22.15 15.62 -5.95
CA ARG D 38 20.73 15.55 -5.62
C ARG D 38 19.94 15.98 -6.83
N ALA D 39 18.80 15.34 -7.08
CA ALA D 39 17.98 15.69 -8.22
C ALA D 39 16.51 15.62 -7.84
N TYR D 40 15.70 16.42 -8.53
CA TYR D 40 14.25 16.42 -8.33
C TYR D 40 13.59 16.68 -9.67
N SER D 41 12.92 15.63 -10.17
CA SER D 41 12.28 15.68 -11.48
C SER D 41 10.99 14.95 -11.43
N ASP D 42 10.01 15.40 -12.18
CA ASP D 42 8.79 14.62 -12.33
C ASP D 42 8.60 14.07 -13.73
N LEU D 43 9.66 13.90 -14.46
CA LEU D 43 9.61 13.14 -15.71
C LEU D 43 9.44 11.66 -15.44
N SER D 44 8.61 11.00 -16.26
CA SER D 44 8.49 9.53 -16.25
CA SER D 44 8.54 9.54 -16.21
C SER D 44 9.30 8.88 -17.36
N ARG D 45 9.53 9.61 -18.43
CA ARG D 45 10.36 9.09 -19.52
C ARG D 45 11.82 9.01 -19.08
N ALA D 46 12.66 8.36 -19.88
CA ALA D 46 14.09 8.28 -19.59
C ALA D 46 14.75 9.65 -19.75
N TYR D 47 15.84 9.84 -19.02
CA TYR D 47 16.65 11.03 -19.15
C TYR D 47 18.04 10.84 -18.64
N SER D 48 18.93 11.65 -19.15
CA SER D 48 20.30 11.70 -18.68
C SER D 48 20.45 12.58 -17.45
N LEU D 49 21.13 12.06 -16.46
CA LEU D 49 21.52 12.86 -15.28
C LEU D 49 22.90 13.51 -15.39
N PHE D 50 23.87 12.80 -15.96
CA PHE D 50 25.25 13.30 -16.02
C PHE D 50 25.91 12.67 -17.21
N SER D 51 26.29 13.50 -18.16
CA SER D 51 26.82 13.06 -19.46
C SER D 51 28.28 13.49 -19.66
N TYR D 52 29.18 12.53 -19.73
CA TYR D 52 30.62 12.77 -19.92
C TYR D 52 31.07 12.01 -21.17
N ASN D 53 31.44 12.80 -22.19
CA ASN D 53 31.91 12.26 -23.47
C ASN D 53 33.34 12.77 -23.71
N THR D 54 34.13 12.00 -24.46
CA THR D 54 35.48 12.47 -24.81
C THR D 54 35.56 12.40 -26.33
N GLN D 55 36.67 12.89 -26.90
CA GLN D 55 36.79 12.99 -28.35
C GLN D 55 36.73 11.59 -28.94
N GLY D 56 35.75 11.39 -29.81
CA GLY D 56 35.51 10.11 -30.48
C GLY D 56 34.84 9.02 -29.66
N ARG D 57 34.42 9.37 -28.44
CA ARG D 57 33.87 8.36 -27.53
C ARG D 57 32.58 8.86 -26.89
N ASP D 58 31.50 8.24 -27.31
CA ASP D 58 30.16 8.48 -26.73
C ASP D 58 30.00 7.68 -25.45
N ASN D 59 29.25 8.27 -24.51
CA ASN D 59 28.87 7.55 -23.29
C ASN D 59 30.10 7.00 -22.56
N GLU D 60 31.13 7.84 -22.48
CA GLU D 60 32.35 7.45 -21.81
C GLU D 60 32.12 7.28 -20.32
N LEU D 61 31.30 8.18 -19.76
CA LEU D 61 30.80 8.03 -18.39
C LEU D 61 29.42 8.67 -18.41
N LEU D 62 28.37 7.87 -18.26
CA LEU D 62 27.02 8.39 -18.34
C LEU D 62 26.17 7.80 -17.24
N VAL D 63 25.49 8.68 -16.51
CA VAL D 63 24.49 8.25 -15.50
C VAL D 63 23.12 8.58 -16.08
N TYR D 64 22.31 7.54 -16.22
CA TYR D 64 21.10 7.62 -17.03
C TYR D 64 19.95 6.99 -16.24
N LYS D 65 18.81 7.65 -16.20
CA LYS D 65 17.64 7.12 -15.51
C LYS D 65 16.73 6.53 -16.56
N GLU D 66 16.61 5.21 -16.51
CA GLU D 66 15.85 4.46 -17.49
C GLU D 66 14.33 4.68 -17.37
N ARG D 67 13.91 4.66 -16.15
CA ARG D 67 12.50 4.68 -15.73
C ARG D 67 12.52 4.72 -14.22
N VAL D 68 11.37 4.93 -13.60
CA VAL D 68 11.28 4.99 -12.16
C VAL D 68 11.91 3.71 -11.58
N GLY D 69 12.79 3.91 -10.61
CA GLY D 69 13.37 2.80 -9.90
C GLY D 69 14.54 2.13 -10.59
N GLU D 70 15.05 2.67 -11.68
CA GLU D 70 16.12 2.00 -12.40
C GLU D 70 17.18 2.98 -12.85
N TYR D 71 18.39 2.76 -12.36
CA TYR D 71 19.54 3.61 -12.63
C TYR D 71 20.61 2.88 -13.41
N SER D 72 21.15 3.51 -14.45
CA SER D 72 22.21 2.92 -15.24
C SER D 72 23.46 3.76 -15.19
N LEU D 73 24.59 3.07 -15.24
CA LEU D 73 25.89 3.69 -15.43
C LEU D 73 26.50 3.10 -16.70
N TYR D 74 26.99 3.97 -17.58
CA TYR D 74 27.77 3.58 -18.72
C TYR D 74 29.22 3.96 -18.45
N ILE D 75 30.13 3.03 -18.77
CA ILE D 75 31.56 3.27 -18.78
C ILE D 75 32.03 2.81 -20.15
N GLY D 76 32.61 3.73 -20.91
CA GLY D 76 33.11 3.36 -22.23
C GLY D 76 32.08 2.65 -23.08
N ARG D 77 30.86 3.18 -23.12
CA ARG D 77 29.75 2.66 -23.91
C ARG D 77 29.10 1.38 -23.42
N HIS D 78 29.72 0.71 -22.44
CA HIS D 78 29.12 -0.47 -21.83
C HIS D 78 28.27 -0.01 -20.66
N LYS D 79 27.27 -0.77 -20.31
CA LYS D 79 26.36 -0.35 -19.25
CA LYS D 79 26.37 -0.34 -19.23
C LYS D 79 26.03 -1.43 -18.23
N VAL D 80 25.69 -0.96 -17.04
CA VAL D 80 25.05 -1.75 -16.01
C VAL D 80 23.83 -0.96 -15.49
N THR D 81 22.89 -1.69 -14.92
CA THR D 81 21.65 -1.12 -14.42
C THR D 81 21.32 -1.77 -13.08
N SER D 82 20.92 -1.01 -12.05
CA SER D 82 20.43 -1.57 -10.82
C SER D 82 19.11 -0.90 -10.43
N LYS D 83 18.33 -1.62 -9.63
CA LYS D 83 16.98 -1.24 -9.29
C LYS D 83 16.82 -0.85 -7.83
N VAL D 84 15.82 -0.02 -7.55
CA VAL D 84 15.55 0.40 -6.19
C VAL D 84 14.06 0.73 -6.05
N ILE D 85 13.53 0.56 -4.85
CA ILE D 85 12.21 1.03 -4.50
C ILE D 85 12.28 2.54 -4.22
N GLU D 86 11.48 3.32 -4.96
CA GLU D 86 11.42 4.75 -4.73
C GLU D 86 10.01 5.26 -5.00
N LYS D 87 9.66 6.33 -4.31
CA LYS D 87 8.42 7.03 -4.58
C LYS D 87 8.59 7.89 -5.82
N PHE D 88 7.47 8.22 -6.43
CA PHE D 88 7.47 9.10 -7.59
C PHE D 88 6.30 10.06 -7.61
N PRO D 89 6.54 11.36 -7.83
CA PRO D 89 7.87 11.99 -7.87
C PRO D 89 8.44 12.16 -6.48
N ALA D 90 9.76 12.26 -6.42
CA ALA D 90 10.41 12.53 -5.16
C ALA D 90 11.84 12.99 -5.36
N PRO D 91 12.30 13.91 -4.53
CA PRO D 91 13.73 14.22 -4.54
C PRO D 91 14.55 12.99 -4.26
N VAL D 92 15.75 12.96 -4.83
CA VAL D 92 16.63 11.85 -4.62
C VAL D 92 18.07 12.36 -4.44
N HIS D 93 18.82 11.60 -3.64
CA HIS D 93 20.27 11.78 -3.57
C HIS D 93 20.90 10.54 -4.21
N ILE D 94 21.76 10.75 -5.19
CA ILE D 94 22.38 9.67 -5.97
C ILE D 94 23.89 9.73 -5.83
N CYS D 95 24.53 8.62 -5.47
CA CYS D 95 25.97 8.49 -5.54
C CYS D 95 26.24 7.27 -6.41
N VAL D 96 27.24 7.38 -7.27
CA VAL D 96 27.72 6.22 -7.97
C VAL D 96 29.23 6.23 -8.04
N SER D 97 29.82 5.09 -7.77
CA SER D 97 31.26 4.94 -7.88
C SER D 97 31.59 3.82 -8.83
N TRP D 98 32.80 3.84 -9.38
CA TRP D 98 33.31 2.77 -10.22
C TRP D 98 34.83 2.66 -10.03
N GLU D 99 35.29 1.43 -10.06
CA GLU D 99 36.69 1.08 -9.77
C GLU D 99 37.19 0.20 -10.91
N SER D 100 38.15 0.70 -11.68
CA SER D 100 38.66 -0.10 -12.81
C SER D 100 39.21 -1.47 -12.42
N SER D 101 39.90 -1.56 -11.28
CA SER D 101 40.61 -2.80 -11.00
C SER D 101 39.66 -3.98 -10.82
N SER D 102 38.47 -3.74 -10.27
CA SER D 102 37.46 -4.79 -10.13
C SER D 102 36.32 -4.71 -11.15
N GLY D 103 36.17 -3.55 -11.76
CA GLY D 103 35.03 -3.21 -12.62
C GLY D 103 33.75 -2.88 -11.85
N ILE D 104 33.80 -2.85 -10.51
CA ILE D 104 32.59 -2.74 -9.71
C ILE D 104 32.03 -1.34 -9.72
N ALA D 105 30.73 -1.25 -10.00
CA ALA D 105 29.97 -0.03 -9.93
C ALA D 105 29.01 -0.12 -8.75
N GLU D 106 29.01 0.91 -7.92
CA GLU D 106 28.13 0.99 -6.73
C GLU D 106 27.23 2.21 -6.86
N PHE D 107 25.92 1.98 -6.98
CA PHE D 107 24.93 3.02 -6.76
C PHE D 107 24.45 3.05 -5.32
N TRP D 108 24.25 4.26 -4.82
CA TRP D 108 23.64 4.53 -3.53
C TRP D 108 22.54 5.55 -3.76
N ILE D 109 21.32 5.19 -3.35
CA ILE D 109 20.15 6.04 -3.53
C ILE D 109 19.60 6.40 -2.15
N ASN D 110 19.59 7.69 -1.83
CA ASN D 110 19.21 8.16 -0.51
C ASN D 110 19.93 7.40 0.60
N GLY D 111 21.21 7.19 0.39
CA GLY D 111 22.08 6.58 1.40
C GLY D 111 21.93 5.08 1.49
N THR D 112 21.15 4.47 0.62
CA THR D 112 20.97 3.03 0.59
C THR D 112 21.69 2.41 -0.60
N PRO D 113 22.49 1.37 -0.37
CA PRO D 113 23.24 0.76 -1.45
C PRO D 113 22.35 -0.12 -2.32
N LEU D 114 22.49 0.04 -3.64
CA LEU D 114 21.90 -0.87 -4.60
C LEU D 114 22.80 -2.10 -4.76
N VAL D 115 22.30 -3.11 -5.46
CA VAL D 115 23.11 -4.27 -5.80
C VAL D 115 24.29 -3.85 -6.67
N LYS D 116 25.50 -4.28 -6.29
CA LYS D 116 26.66 -4.01 -7.12
C LYS D 116 26.60 -4.71 -8.46
N LYS D 117 27.11 -4.05 -9.51
CA LYS D 117 27.28 -4.67 -10.82
C LYS D 117 28.70 -4.39 -11.28
N GLY D 118 29.11 -4.98 -12.39
CA GLY D 118 30.49 -4.83 -12.83
C GLY D 118 30.59 -4.72 -14.33
N LEU D 119 31.50 -3.86 -14.74
CA LEU D 119 31.76 -3.62 -16.17
C LEU D 119 33.14 -3.02 -16.35
N ARG D 120 33.72 -3.28 -17.53
CA ARG D 120 34.93 -2.60 -17.95
C ARG D 120 36.09 -2.77 -17.01
N GLN D 121 36.20 -3.95 -16.39
CA GLN D 121 37.37 -4.22 -15.55
C GLN D 121 38.66 -3.97 -16.35
N GLY D 122 39.54 -3.19 -15.75
CA GLY D 122 40.85 -2.87 -16.35
C GLY D 122 40.85 -1.68 -17.28
N TYR D 123 39.70 -1.09 -17.56
CA TYR D 123 39.55 0.05 -18.47
C TYR D 123 39.91 1.33 -17.75
N PHE D 124 40.29 2.36 -18.52
CA PHE D 124 40.50 3.68 -17.98
C PHE D 124 39.56 4.64 -18.69
N VAL D 125 38.75 5.35 -17.91
CA VAL D 125 37.88 6.38 -18.47
C VAL D 125 38.76 7.51 -19.01
N GLU D 126 38.54 7.86 -20.25
CA GLU D 126 39.40 8.83 -20.91
C GLU D 126 39.26 10.21 -20.31
N ALA D 127 40.35 10.98 -20.40
CA ALA D 127 40.37 12.36 -19.94
C ALA D 127 39.94 13.37 -21.02
N GLN D 128 40.11 14.64 -20.65
CA GLN D 128 39.67 15.76 -21.46
C GLN D 128 38.21 15.62 -21.88
N PRO D 129 37.33 15.44 -20.89
CA PRO D 129 35.90 15.33 -21.18
C PRO D 129 35.20 16.64 -21.47
N LYS D 130 34.06 16.51 -22.14
CA LYS D 130 33.03 17.53 -22.01
CA LYS D 130 32.98 17.49 -22.10
C LYS D 130 31.93 16.89 -21.16
N ILE D 131 31.54 17.64 -20.14
CA ILE D 131 30.62 17.20 -19.11
C ILE D 131 29.39 18.09 -19.14
N VAL D 132 28.23 17.49 -19.34
CA VAL D 132 27.01 18.21 -19.54
C VAL D 132 25.92 17.74 -18.58
N LEU D 133 25.25 18.71 -17.98
CA LEU D 133 23.99 18.51 -17.26
C LEU D 133 22.86 19.07 -18.12
N GLY D 134 21.71 18.39 -18.11
CA GLY D 134 20.54 18.85 -18.80
C GLY D 134 20.26 18.19 -20.13
N GLN D 135 21.30 17.67 -20.76
CA GLN D 135 21.16 16.99 -22.05
C GLN D 135 22.10 15.80 -22.06
N GLU D 136 21.80 14.83 -22.91
CA GLU D 136 22.66 13.70 -23.16
C GLU D 136 23.46 13.97 -24.44
N GLN D 137 24.77 13.85 -24.36
CA GLN D 137 25.64 14.12 -25.53
C GLN D 137 25.70 12.88 -26.38
N ASP D 138 25.65 13.05 -27.71
CA ASP D 138 26.08 12.00 -28.66
C ASP D 138 27.34 12.39 -29.44
N SER D 139 27.79 13.63 -29.33
CA SER D 139 29.10 14.04 -29.85
C SER D 139 29.99 14.61 -28.75
N TYR D 140 31.14 15.17 -29.10
CA TYR D 140 32.01 15.77 -28.12
C TYR D 140 31.50 17.16 -27.84
N GLY D 141 30.56 17.23 -26.89
CA GLY D 141 29.99 18.49 -26.47
C GLY D 141 28.60 18.78 -26.99
N GLY D 142 28.01 17.87 -27.77
CA GLY D 142 26.76 18.17 -28.45
C GLY D 142 25.94 17.00 -28.92
N LYS D 143 25.19 17.21 -29.99
CA LYS D 143 24.27 16.23 -30.56
C LYS D 143 23.33 15.73 -29.49
N PHE D 144 22.61 16.68 -28.93
CA PHE D 144 21.59 16.43 -27.90
C PHE D 144 20.31 15.85 -28.48
N ASP D 145 19.44 15.35 -27.59
CA ASP D 145 18.20 14.70 -27.96
C ASP D 145 17.11 15.12 -26.95
N ARG D 146 16.10 15.85 -27.39
CA ARG D 146 15.06 16.35 -26.50
C ARG D 146 14.42 15.25 -25.65
N SER D 147 14.28 14.04 -26.19
CA SER D 147 13.64 12.96 -25.47
C SER D 147 14.51 12.37 -24.36
N GLN D 148 15.75 12.88 -24.24
CA GLN D 148 16.65 12.46 -23.15
C GLN D 148 17.01 13.62 -22.24
N SER D 149 16.42 14.79 -22.47
CA SER D 149 16.74 15.99 -21.70
C SER D 149 16.27 15.83 -20.27
N PHE D 150 16.99 16.48 -19.35
CA PHE D 150 16.60 16.49 -17.97
C PHE D 150 15.81 17.76 -17.70
N VAL D 151 14.63 17.62 -17.11
CA VAL D 151 13.75 18.72 -16.71
C VAL D 151 13.57 18.59 -15.20
N GLY D 152 13.92 19.64 -14.48
CA GLY D 152 13.87 19.58 -13.03
C GLY D 152 15.07 20.29 -12.41
N GLU D 153 15.43 19.86 -11.22
CA GLU D 153 16.42 20.56 -10.41
C GLU D 153 17.56 19.63 -10.01
N ILE D 154 18.79 20.14 -10.11
CA ILE D 154 19.99 19.38 -9.68
C ILE D 154 20.85 20.25 -8.78
N GLY D 155 21.29 19.67 -7.67
CA GLY D 155 22.21 20.37 -6.77
C GLY D 155 23.19 19.48 -6.08
N ASP D 156 24.05 20.09 -5.26
CA ASP D 156 24.97 19.36 -4.39
C ASP D 156 25.80 18.33 -5.17
N LEU D 157 26.37 18.76 -6.29
CA LEU D 157 27.11 17.83 -7.13
C LEU D 157 28.59 17.85 -6.78
N TYR D 158 29.13 16.68 -6.54
CA TYR D 158 30.54 16.49 -6.23
C TYR D 158 31.09 15.27 -6.96
N MET D 159 32.37 15.31 -7.37
CA MET D 159 33.02 14.19 -8.00
C MET D 159 34.45 14.08 -7.50
N TRP D 160 34.78 12.86 -7.11
CA TRP D 160 36.08 12.48 -6.52
C TRP D 160 36.79 11.50 -7.44
N ASP D 161 38.12 11.53 -7.49
CA ASP D 161 38.87 10.52 -8.23
C ASP D 161 39.21 9.27 -7.42
N SER D 162 38.32 8.90 -6.50
CA SER D 162 38.49 7.71 -5.69
C SER D 162 37.12 7.11 -5.42
N VAL D 163 37.09 5.90 -4.92
CA VAL D 163 35.84 5.24 -4.53
C VAL D 163 35.55 5.52 -3.06
N LEU D 164 34.47 6.23 -2.77
CA LEU D 164 34.16 6.59 -1.40
C LEU D 164 33.67 5.37 -0.65
N PRO D 165 34.11 5.23 0.61
CA PRO D 165 33.55 4.23 1.51
C PRO D 165 32.17 4.69 2.00
N PRO D 166 31.38 3.77 2.55
CA PRO D 166 30.02 4.09 2.96
C PRO D 166 29.88 5.32 3.84
N GLU D 167 30.79 5.48 4.81
CA GLU D 167 30.68 6.60 5.71
C GLU D 167 30.80 7.95 5.00
N ASN D 168 31.58 8.00 3.91
CA ASN D 168 31.73 9.24 3.17
C ASN D 168 30.53 9.47 2.23
N ILE D 169 29.93 8.38 1.75
CA ILE D 169 28.65 8.45 1.01
CA ILE D 169 28.69 8.55 0.99
C ILE D 169 27.57 9.05 1.90
N LEU D 170 27.43 8.51 3.11
CA LEU D 170 26.43 9.01 4.03
C LEU D 170 26.69 10.47 4.39
N SER D 171 27.95 10.86 4.54
CA SER D 171 28.26 12.26 4.78
C SER D 171 27.76 13.14 3.66
N ALA D 172 27.98 12.72 2.42
CA ALA D 172 27.47 13.49 1.30
C ALA D 172 25.94 13.54 1.34
N TYR D 173 25.31 12.39 1.55
CA TYR D 173 23.84 12.36 1.64
C TYR D 173 23.32 13.34 2.70
N GLN D 174 24.01 13.40 3.82
CA GLN D 174 23.56 14.24 4.94
C GLN D 174 23.92 15.72 4.78
N GLY D 175 24.68 16.07 3.75
CA GLY D 175 24.98 17.46 3.48
C GLY D 175 26.32 17.94 3.99
N THR D 176 27.17 17.02 4.43
CA THR D 176 28.55 17.35 4.83
C THR D 176 29.58 16.50 4.06
N PRO D 177 29.63 16.66 2.72
CA PRO D 177 30.56 15.85 1.93
C PRO D 177 32.02 16.15 2.22
N LEU D 178 32.86 15.16 1.99
CA LEU D 178 34.30 15.35 1.99
C LEU D 178 34.68 16.24 0.82
N PRO D 179 35.79 16.94 0.92
CA PRO D 179 36.31 17.70 -0.20
C PRO D 179 36.47 16.87 -1.45
N ALA D 180 36.06 17.43 -2.59
CA ALA D 180 36.06 16.69 -3.85
C ALA D 180 36.99 17.31 -4.87
N ASN D 181 37.76 16.49 -5.54
CA ASN D 181 38.86 16.98 -6.35
C ASN D 181 38.69 16.98 -7.84
N ILE D 182 37.56 16.47 -8.32
CA ILE D 182 37.23 16.62 -9.76
C ILE D 182 36.19 17.72 -10.01
N LEU D 183 35.06 17.63 -9.28
CA LEU D 183 34.05 18.66 -9.33
C LEU D 183 33.58 18.91 -7.90
N ASP D 184 33.39 20.19 -7.55
CA ASP D 184 32.96 20.54 -6.21
C ASP D 184 31.98 21.67 -6.26
N TRP D 185 30.77 21.41 -5.74
CA TRP D 185 29.66 22.34 -5.79
C TRP D 185 29.99 23.69 -5.13
N GLN D 186 30.92 23.68 -4.18
CA GLN D 186 31.28 24.93 -3.48
C GLN D 186 32.37 25.73 -4.22
N ALA D 187 32.90 25.20 -5.32
CA ALA D 187 33.89 25.89 -6.13
C ALA D 187 33.78 25.36 -7.54
N LEU D 188 32.61 25.63 -8.14
CA LEU D 188 32.27 25.05 -9.44
C LEU D 188 32.51 26.01 -10.58
N ASN D 189 33.14 25.50 -11.64
CA ASN D 189 33.33 26.23 -12.87
C ASN D 189 32.36 25.66 -13.89
N TYR D 190 31.43 26.50 -14.32
CA TYR D 190 30.35 26.04 -15.19
C TYR D 190 29.96 27.10 -16.20
N GLU D 191 29.25 26.66 -17.24
CA GLU D 191 28.67 27.53 -18.23
C GLU D 191 27.20 27.19 -18.45
N ILE D 192 26.33 28.15 -18.24
CA ILE D 192 24.92 28.00 -18.55
C ILE D 192 24.69 28.30 -20.03
N ARG D 193 23.97 27.42 -20.72
CA ARG D 193 23.58 27.63 -22.09
C ARG D 193 22.08 27.44 -22.20
N GLY D 194 21.39 28.43 -22.74
CA GLY D 194 19.96 28.35 -22.83
C GLY D 194 19.30 28.66 -21.49
N TYR D 195 18.13 28.07 -21.34
CA TYR D 195 17.26 28.36 -20.20
C TYR D 195 17.56 27.48 -18.99
N VAL D 196 18.45 27.95 -18.13
CA VAL D 196 18.77 27.28 -16.89
C VAL D 196 18.87 28.41 -15.87
N ILE D 197 18.18 28.25 -14.74
CA ILE D 197 18.07 29.29 -13.72
C ILE D 197 18.63 28.76 -12.41
N ILE D 198 19.45 29.54 -11.71
CA ILE D 198 19.94 29.18 -10.41
C ILE D 198 18.97 29.70 -9.35
N LYS D 199 18.48 28.79 -8.49
CA LYS D 199 17.57 29.12 -7.41
C LYS D 199 18.03 28.50 -6.11
N PRO D 200 17.49 28.96 -4.98
CA PRO D 200 17.74 28.25 -3.73
C PRO D 200 17.18 26.86 -3.76
N LEU D 201 17.81 25.95 -3.06
CA LEU D 201 17.33 24.59 -2.83
C LEU D 201 16.28 24.65 -1.75
N VAL D 202 15.03 24.34 -2.10
CA VAL D 202 13.96 24.41 -1.10
C VAL D 202 13.38 23.05 -0.72
N TRP D 203 13.85 21.98 -1.35
CA TRP D 203 13.29 20.67 -1.18
C TRP D 203 14.18 19.70 -0.42
N VAL D 204 15.37 20.15 -0.07
CA VAL D 204 16.10 19.54 1.04
C VAL D 204 16.07 20.56 2.17
N HIS E 1 -14.34 43.65 1.13
CA HIS E 1 -14.62 43.92 2.54
C HIS E 1 -15.71 43.01 3.14
N THR E 2 -15.61 41.72 2.86
CA THR E 2 -16.24 40.71 3.69
C THR E 2 -15.19 39.81 4.31
N ASP E 3 -15.34 39.56 5.59
CA ASP E 3 -14.46 38.65 6.32
C ASP E 3 -14.98 37.24 6.26
N LEU E 4 -14.30 36.40 5.47
CA LEU E 4 -14.72 35.00 5.32
C LEU E 4 -13.91 34.04 6.21
N SER E 5 -13.23 34.56 7.24
CA SER E 5 -12.49 33.69 8.15
C SER E 5 -13.36 32.54 8.62
N GLY E 6 -12.83 31.32 8.53
CA GLY E 6 -13.54 30.17 8.98
C GLY E 6 -14.66 29.66 8.09
N LYS E 7 -14.76 30.22 6.90
CA LYS E 7 -15.83 29.93 5.95
CA LYS E 7 -15.82 29.84 5.97
C LYS E 7 -15.26 29.50 4.61
N VAL E 8 -16.07 28.75 3.85
CA VAL E 8 -15.76 28.34 2.48
C VAL E 8 -16.91 28.73 1.58
N PHE E 9 -16.59 28.87 0.29
CA PHE E 9 -17.62 28.79 -0.76
C PHE E 9 -17.85 27.32 -1.09
N VAL E 10 -19.11 26.92 -1.09
CA VAL E 10 -19.51 25.59 -1.50
C VAL E 10 -20.23 25.69 -2.83
N PHE E 11 -19.66 25.03 -3.84
CA PHE E 11 -20.27 24.87 -5.16
C PHE E 11 -20.88 23.49 -5.16
N PRO E 12 -22.18 23.40 -4.82
CA PRO E 12 -22.71 22.09 -4.42
C PRO E 12 -23.14 21.13 -5.52
N ARG E 13 -23.09 21.61 -6.75
CA ARG E 13 -23.47 20.80 -7.90
C ARG E 13 -22.69 21.22 -9.14
N GLU E 14 -22.66 20.31 -10.11
CA GLU E 14 -22.14 20.62 -11.45
C GLU E 14 -23.13 21.45 -12.23
N SER E 15 -22.60 22.49 -12.89
CA SER E 15 -23.40 23.43 -13.67
C SER E 15 -22.49 24.13 -14.64
N VAL E 16 -23.09 24.89 -15.58
CA VAL E 16 -22.36 25.80 -16.45
CA VAL E 16 -22.30 25.75 -16.43
C VAL E 16 -22.19 27.14 -15.78
N THR E 17 -23.17 27.55 -14.99
CA THR E 17 -23.20 28.95 -14.57
C THR E 17 -23.01 29.29 -13.11
N ASP E 18 -22.95 28.31 -12.20
CA ASP E 18 -22.71 28.64 -10.78
C ASP E 18 -21.26 29.10 -10.65
N HIS E 19 -21.03 30.29 -10.07
CA HIS E 19 -19.68 30.80 -9.92
C HIS E 19 -19.62 31.94 -8.94
N VAL E 20 -18.39 32.32 -8.59
CA VAL E 20 -18.10 33.51 -7.78
C VAL E 20 -17.15 34.39 -8.55
N ASN E 21 -17.52 35.66 -8.72
CA ASN E 21 -16.56 36.64 -9.19
C ASN E 21 -15.77 37.25 -8.06
N LEU E 22 -14.46 37.34 -8.21
CA LEU E 22 -13.59 37.97 -7.21
C LEU E 22 -13.15 39.31 -7.78
N ILE E 23 -13.35 40.34 -7.00
CA ILE E 23 -13.14 41.71 -7.46
CA ILE E 23 -13.15 41.71 -7.45
C ILE E 23 -11.89 42.30 -6.82
N THR E 24 -11.00 42.79 -7.68
CA THR E 24 -9.80 43.44 -7.20
C THR E 24 -9.61 44.66 -8.12
N PRO E 25 -9.20 45.80 -7.54
CA PRO E 25 -8.89 46.98 -8.33
C PRO E 25 -7.48 46.91 -8.92
N LEU E 26 -7.20 45.87 -9.68
CA LEU E 26 -5.86 45.68 -10.18
C LEU E 26 -5.65 46.35 -11.53
N GLU E 27 -4.87 47.42 -11.52
CA GLU E 27 -4.65 48.25 -12.68
C GLU E 27 -3.27 48.06 -13.29
N LYS E 28 -2.32 47.56 -12.49
CA LYS E 28 -0.95 47.39 -12.96
C LYS E 28 -0.69 45.93 -13.34
N PRO E 29 -0.16 45.71 -14.54
CA PRO E 29 0.20 44.33 -14.90
C PRO E 29 1.15 43.73 -13.87
N LEU E 30 1.04 42.42 -13.71
CA LEU E 30 1.76 41.71 -12.68
C LEU E 30 3.05 41.12 -13.23
N GLN E 31 4.11 41.40 -12.55
CA GLN E 31 5.39 40.85 -12.83
C GLN E 31 5.67 39.62 -11.96
N ASN E 32 5.12 39.67 -10.74
CA ASN E 32 5.30 38.64 -9.71
C ASN E 32 3.95 38.41 -9.06
N PHE E 33 3.63 37.15 -8.75
CA PHE E 33 2.49 36.92 -7.87
C PHE E 33 2.64 35.59 -7.12
N THR E 34 1.85 35.48 -6.04
CA THR E 34 1.63 34.21 -5.35
C THR E 34 0.15 34.13 -5.08
N LEU E 35 -0.41 32.93 -5.24
CA LEU E 35 -1.82 32.65 -5.00
C LEU E 35 -1.88 31.39 -4.12
N CYS E 36 -2.58 31.46 -3.00
CA CYS E 36 -2.76 30.29 -2.09
C CYS E 36 -4.25 30.12 -1.83
N PHE E 37 -4.70 28.87 -1.66
CA PHE E 37 -6.07 28.62 -1.23
C PHE E 37 -6.17 27.16 -0.84
N ARG E 38 -7.27 26.80 -0.20
CA ARG E 38 -7.56 25.41 0.14
C ARG E 38 -8.75 24.95 -0.65
N ALA E 39 -8.75 23.69 -1.06
CA ALA E 39 -9.87 23.16 -1.84
C ALA E 39 -10.17 21.75 -1.42
N TYR E 40 -11.43 21.35 -1.57
CA TYR E 40 -11.86 20.00 -1.24
C TYR E 40 -12.93 19.61 -2.28
N SER E 41 -12.57 18.65 -3.13
CA SER E 41 -13.45 18.19 -4.20
C SER E 41 -13.30 16.70 -4.36
N ASP E 42 -14.38 16.00 -4.71
CA ASP E 42 -14.27 14.60 -5.08
C ASP E 42 -14.50 14.32 -6.56
N LEU E 43 -14.31 15.35 -7.37
CA LEU E 43 -14.28 15.16 -8.83
C LEU E 43 -13.01 14.42 -9.23
N SER E 44 -13.16 13.52 -10.22
CA SER E 44 -12.01 12.92 -10.88
C SER E 44 -11.71 13.53 -12.24
N ARG E 45 -12.72 14.12 -12.87
CA ARG E 45 -12.50 14.77 -14.13
C ARG E 45 -11.72 16.05 -13.90
N ALA E 46 -11.26 16.67 -14.98
CA ALA E 46 -10.53 17.91 -14.90
C ALA E 46 -11.40 19.04 -14.40
N TYR E 47 -10.78 20.03 -13.78
CA TYR E 47 -11.49 21.22 -13.35
C TYR E 47 -10.56 22.39 -13.13
N SER E 48 -11.13 23.57 -13.31
CA SER E 48 -10.46 24.83 -12.99
C SER E 48 -10.59 25.19 -11.53
N LEU E 49 -9.46 25.60 -10.95
CA LEU E 49 -9.42 26.09 -9.59
C LEU E 49 -9.51 27.61 -9.49
N PHE E 50 -8.84 28.30 -10.41
CA PHE E 50 -8.78 29.77 -10.37
C PHE E 50 -8.58 30.28 -11.78
N SER E 51 -9.53 31.07 -12.28
CA SER E 51 -9.56 31.51 -13.69
C SER E 51 -9.50 33.03 -13.79
N TYR E 52 -8.44 33.55 -14.41
CA TYR E 52 -8.19 34.97 -14.54
C TYR E 52 -7.99 35.26 -16.02
N ASN E 53 -8.95 35.96 -16.61
CA ASN E 53 -8.92 36.34 -18.03
C ASN E 53 -8.91 37.86 -18.14
N THR E 54 -8.39 38.38 -19.26
CA THR E 54 -8.45 39.82 -19.46
C THR E 54 -9.06 40.01 -20.85
N GLN E 55 -9.36 41.26 -21.22
CA GLN E 55 -10.08 41.47 -22.45
C GLN E 55 -9.26 41.00 -23.64
N GLY E 56 -9.82 40.11 -24.44
CA GLY E 56 -9.12 39.54 -25.55
C GLY E 56 -8.11 38.45 -25.26
N ARG E 57 -7.99 38.06 -23.99
CA ARG E 57 -6.96 37.10 -23.58
C ARG E 57 -7.50 35.98 -22.69
N ASP E 58 -7.62 34.81 -23.27
CA ASP E 58 -8.04 33.60 -22.51
C ASP E 58 -6.84 33.03 -21.79
N ASN E 59 -7.11 32.43 -20.63
CA ASN E 59 -6.11 31.72 -19.87
C ASN E 59 -4.91 32.60 -19.57
N GLU E 60 -5.19 33.84 -19.20
CA GLU E 60 -4.15 34.78 -18.86
C GLU E 60 -3.42 34.37 -17.61
N LEU E 61 -4.17 33.91 -16.60
CA LEU E 61 -3.60 33.29 -15.41
C LEU E 61 -4.62 32.25 -15.00
N LEU E 62 -4.28 30.98 -15.12
CA LEU E 62 -5.22 29.92 -14.84
C LEU E 62 -4.51 28.82 -14.04
N VAL E 63 -5.16 28.40 -12.94
CA VAL E 63 -4.70 27.26 -12.17
C VAL E 63 -5.72 26.15 -12.39
N TYR E 64 -5.26 25.03 -12.92
CA TYR E 64 -6.14 23.99 -13.45
C TYR E 64 -5.66 22.65 -12.96
N LYS E 65 -6.58 21.77 -12.64
CA LYS E 65 -6.31 20.40 -12.16
C LYS E 65 -6.72 19.44 -13.28
N GLU E 66 -5.82 18.91 -14.12
N GLU E 66 -5.66 18.90 -13.89
CA GLU E 66 -6.32 18.01 -15.18
CA GLU E 66 -5.70 18.02 -15.04
C GLU E 66 -6.68 16.61 -14.63
C GLU E 66 -6.38 16.68 -14.71
N ARG E 67 -5.99 16.16 -13.57
CA ARG E 67 -6.28 14.84 -13.04
C ARG E 67 -5.62 14.71 -11.68
N VAL E 68 -5.90 13.66 -10.95
CA VAL E 68 -5.32 13.46 -9.64
C VAL E 68 -3.78 13.57 -9.75
N GLY E 69 -3.20 14.33 -8.84
CA GLY E 69 -1.74 14.41 -8.75
C GLY E 69 -1.09 15.37 -9.74
N GLU E 70 -1.85 16.13 -10.50
CA GLU E 70 -1.27 16.97 -11.54
C GLU E 70 -1.87 18.36 -11.53
N TYR E 71 -1.01 19.36 -11.32
CA TYR E 71 -1.42 20.75 -11.23
C TYR E 71 -0.80 21.54 -12.37
N SER E 72 -1.60 22.35 -13.04
CA SER E 72 -1.09 23.21 -14.12
C SER E 72 -1.29 24.68 -13.82
N LEU E 73 -0.33 25.49 -14.28
CA LEU E 73 -0.42 26.95 -14.28
C LEU E 73 -0.29 27.40 -15.74
N TYR E 74 -1.22 28.25 -16.13
CA TYR E 74 -1.13 28.96 -17.41
C TYR E 74 -0.83 30.42 -17.15
N ILE E 75 0.11 30.93 -17.93
CA ILE E 75 0.42 32.35 -17.98
C ILE E 75 0.36 32.79 -19.44
N GLY E 76 -0.55 33.71 -19.75
CA GLY E 76 -0.66 34.15 -21.14
C GLY E 76 -0.86 33.01 -22.10
N ARG E 77 -1.70 32.04 -21.74
CA ARG E 77 -2.04 30.88 -22.58
C ARG E 77 -1.00 29.77 -22.53
N HIS E 78 0.24 30.07 -22.15
CA HIS E 78 1.27 29.04 -22.10
C HIS E 78 1.09 28.24 -20.79
N LYS E 79 1.49 26.97 -20.75
CA LYS E 79 1.27 26.24 -19.53
C LYS E 79 2.48 25.43 -19.08
N VAL E 80 2.53 25.21 -17.78
CA VAL E 80 3.41 24.23 -17.16
C VAL E 80 2.58 23.34 -16.24
N THR E 81 3.09 22.13 -16.00
CA THR E 81 2.42 21.18 -15.13
C THR E 81 3.44 20.51 -14.25
N SER E 82 3.11 20.32 -12.98
CA SER E 82 3.93 19.55 -12.06
C SER E 82 3.10 18.52 -11.30
N LYS E 83 3.76 17.45 -10.86
N LYS E 83 3.78 17.44 -10.90
CA LYS E 83 3.08 16.30 -10.28
CA LYS E 83 3.17 16.24 -10.32
C LYS E 83 3.43 16.11 -8.82
C LYS E 83 3.41 16.16 -8.81
N VAL E 84 2.50 15.49 -8.12
CA VAL E 84 2.64 15.27 -6.68
C VAL E 84 1.94 13.98 -6.32
N ILE E 85 2.43 13.32 -5.26
CA ILE E 85 1.73 12.23 -4.65
C ILE E 85 0.62 12.79 -3.75
N GLU E 86 -0.63 12.37 -3.99
N GLU E 86 -0.60 12.35 -4.00
CA GLU E 86 -1.73 12.80 -3.12
CA GLU E 86 -1.73 12.74 -3.17
C GLU E 86 -2.78 11.70 -3.08
C GLU E 86 -2.68 11.57 -3.01
N LYS E 87 -3.47 11.67 -1.95
CA LYS E 87 -4.63 10.78 -1.72
C LYS E 87 -5.84 11.37 -2.44
N PHE E 88 -6.83 10.53 -2.73
CA PHE E 88 -8.05 10.99 -3.38
C PHE E 88 -9.25 10.23 -2.83
N PRO E 89 -10.30 10.95 -2.41
CA PRO E 89 -10.38 12.41 -2.28
C PRO E 89 -9.65 12.87 -1.04
N ALA E 90 -9.20 14.12 -1.06
CA ALA E 90 -8.58 14.70 0.11
C ALA E 90 -8.59 16.21 0.02
N PRO E 91 -8.81 16.88 1.14
CA PRO E 91 -8.52 18.32 1.17
C PRO E 91 -7.08 18.63 0.77
N VAL E 92 -6.90 19.79 0.16
CA VAL E 92 -5.55 20.19 -0.27
C VAL E 92 -5.37 21.67 0.02
N HIS E 93 -4.14 22.04 0.32
CA HIS E 93 -3.73 23.43 0.34
C HIS E 93 -2.78 23.62 -0.84
N ILE E 94 -3.08 24.61 -1.67
CA ILE E 94 -2.33 24.86 -2.90
C ILE E 94 -1.78 26.27 -2.87
N CYS E 95 -0.48 26.42 -3.13
CA CYS E 95 0.10 27.74 -3.37
C CYS E 95 0.82 27.64 -4.70
N VAL E 96 0.74 28.70 -5.50
CA VAL E 96 1.54 28.78 -6.69
C VAL E 96 2.05 30.21 -6.83
N SER E 97 3.33 30.32 -7.16
CA SER E 97 3.93 31.62 -7.46
C SER E 97 4.55 31.62 -8.85
N TRP E 98 4.67 32.82 -9.40
CA TRP E 98 5.37 32.99 -10.67
C TRP E 98 6.13 34.31 -10.67
N GLU E 99 7.32 34.26 -11.25
CA GLU E 99 8.26 35.36 -11.26
C GLU E 99 8.62 35.64 -12.72
N SER E 100 8.23 36.80 -13.27
CA SER E 100 8.57 37.13 -14.65
C SER E 100 10.06 37.07 -14.95
N SER E 101 10.89 37.59 -14.06
CA SER E 101 12.31 37.74 -14.41
C SER E 101 13.00 36.43 -14.74
N SER E 102 12.62 35.35 -14.06
CA SER E 102 13.15 34.03 -14.34
C SER E 102 12.20 33.13 -15.12
N GLY E 103 10.91 33.48 -15.13
CA GLY E 103 9.85 32.64 -15.65
C GLY E 103 9.46 31.51 -14.70
N ILE E 104 10.08 31.41 -13.53
CA ILE E 104 9.86 30.25 -12.66
C ILE E 104 8.50 30.25 -11.97
N ALA E 105 7.83 29.10 -12.11
CA ALA E 105 6.58 28.80 -11.42
C ALA E 105 6.84 27.76 -10.33
N GLU E 106 6.38 28.06 -9.10
CA GLU E 106 6.54 27.16 -7.97
C GLU E 106 5.17 26.76 -7.44
N PHE E 107 4.80 25.49 -7.58
CA PHE E 107 3.68 24.92 -6.85
C PHE E 107 4.14 24.38 -5.53
N TRP E 108 3.30 24.58 -4.51
CA TRP E 108 3.51 23.99 -3.19
C TRP E 108 2.18 23.36 -2.79
N ILE E 109 2.19 22.07 -2.48
CA ILE E 109 0.98 21.31 -2.19
C ILE E 109 1.10 20.82 -0.77
N ASN E 110 0.18 21.22 0.11
CA ASN E 110 0.29 20.88 1.54
C ASN E 110 1.68 21.18 2.07
N GLY E 111 2.21 22.32 1.72
CA GLY E 111 3.49 22.79 2.24
C GLY E 111 4.72 22.13 1.63
N THR E 112 4.53 21.28 0.64
CA THR E 112 5.62 20.52 -0.03
CA THR E 112 5.69 20.68 0.02
C THR E 112 5.86 21.16 -1.41
N PRO E 113 7.10 21.51 -1.72
CA PRO E 113 7.39 22.07 -3.02
C PRO E 113 7.43 21.05 -4.13
N LEU E 114 6.70 21.31 -5.20
CA LEU E 114 6.79 20.50 -6.43
C LEU E 114 8.03 20.91 -7.21
N VAL E 115 8.34 20.16 -8.25
CA VAL E 115 9.47 20.50 -9.12
C VAL E 115 9.17 21.83 -9.80
N LYS E 116 10.10 22.77 -9.75
CA LYS E 116 9.94 24.04 -10.43
C LYS E 116 9.83 23.86 -11.94
N LYS E 117 9.01 24.69 -12.60
CA LYS E 117 8.96 24.74 -14.05
C LYS E 117 9.05 26.21 -14.45
N GLY E 118 9.17 26.50 -15.73
CA GLY E 118 9.32 27.87 -16.14
C GLY E 118 8.62 28.15 -17.45
N LEU E 119 8.10 29.36 -17.53
CA LEU E 119 7.39 29.84 -18.70
C LEU E 119 7.28 31.36 -18.70
N ARG E 120 7.15 31.93 -19.89
CA ARG E 120 6.86 33.34 -20.03
C ARG E 120 7.87 34.27 -19.36
N GLN E 121 9.14 33.91 -19.39
CA GLN E 121 10.15 34.77 -18.82
C GLN E 121 10.05 36.15 -19.50
N GLY E 122 10.00 37.19 -18.69
CA GLY E 122 9.96 38.55 -19.23
C GLY E 122 8.58 39.10 -19.48
N TYR E 123 7.55 38.26 -19.46
CA TYR E 123 6.18 38.65 -19.71
C TYR E 123 5.58 39.36 -18.48
N PHE E 124 4.55 40.15 -18.72
CA PHE E 124 3.75 40.69 -17.63
C PHE E 124 2.31 40.23 -17.79
N VAL E 125 1.76 39.68 -16.71
CA VAL E 125 0.34 39.30 -16.74
C VAL E 125 -0.52 40.56 -16.83
N GLU E 126 -1.45 40.56 -17.77
CA GLU E 126 -2.25 41.75 -18.02
C GLU E 126 -3.18 42.06 -16.86
N ALA E 127 -3.48 43.33 -16.69
CA ALA E 127 -4.33 43.78 -15.61
C ALA E 127 -5.77 43.89 -16.05
N GLN E 128 -6.59 44.50 -15.18
CA GLN E 128 -8.05 44.61 -15.39
C GLN E 128 -8.68 43.26 -15.66
N PRO E 129 -8.45 42.31 -14.75
CA PRO E 129 -8.96 40.97 -14.99
C PRO E 129 -10.42 40.77 -14.60
N LYS E 130 -11.02 39.71 -15.11
CA LYS E 130 -12.18 39.10 -14.47
C LYS E 130 -11.65 37.81 -13.87
N ILE E 131 -11.93 37.62 -12.58
CA ILE E 131 -11.46 36.46 -11.83
C ILE E 131 -12.65 35.65 -11.35
N VAL E 132 -12.63 34.36 -11.69
CA VAL E 132 -13.77 33.49 -11.40
C VAL E 132 -13.35 32.25 -10.65
N LEU E 133 -14.09 31.94 -9.59
CA LEU E 133 -14.07 30.61 -8.98
C LEU E 133 -15.30 29.83 -9.41
N GLY E 134 -15.13 28.52 -9.60
CA GLY E 134 -16.26 27.62 -9.87
C GLY E 134 -16.41 27.26 -11.32
N GLN E 135 -15.91 28.13 -12.20
CA GLN E 135 -15.93 27.86 -13.64
C GLN E 135 -14.63 28.33 -14.29
N GLU E 136 -14.37 27.83 -15.48
CA GLU E 136 -13.24 28.20 -16.31
C GLU E 136 -13.77 29.16 -17.39
N GLN E 137 -13.23 30.35 -17.44
CA GLN E 137 -13.64 31.33 -18.46
C GLN E 137 -13.01 31.01 -19.81
N ASP E 138 -13.78 31.17 -20.90
CA ASP E 138 -13.21 31.27 -22.25
C ASP E 138 -13.43 32.67 -22.85
N SER E 139 -14.18 33.55 -22.19
CA SER E 139 -14.32 34.93 -22.64
C SER E 139 -13.97 35.83 -21.46
N TYR E 140 -14.14 37.13 -21.60
CA TYR E 140 -13.89 38.05 -20.53
C TYR E 140 -15.11 38.04 -19.62
N GLY E 141 -15.05 37.14 -18.64
CA GLY E 141 -16.12 37.02 -17.66
C GLY E 141 -17.13 35.90 -17.89
N GLY E 142 -16.97 35.10 -18.92
CA GLY E 142 -17.93 34.07 -19.26
C GLY E 142 -17.45 32.96 -20.18
N LYS E 143 -18.37 32.43 -20.97
CA LYS E 143 -18.16 31.29 -21.83
C LYS E 143 -17.58 30.10 -21.04
N PHE E 144 -18.40 29.69 -20.08
CA PHE E 144 -18.07 28.61 -19.19
C PHE E 144 -18.30 27.25 -19.83
N ASP E 145 -17.87 26.19 -19.16
CA ASP E 145 -17.93 24.82 -19.66
C ASP E 145 -18.15 23.89 -18.48
N ARG E 146 -19.31 23.27 -18.38
CA ARG E 146 -19.57 22.52 -17.14
C ARG E 146 -18.59 21.38 -16.94
N SER E 147 -17.96 20.86 -18.00
CA SER E 147 -16.97 19.79 -17.84
CA SER E 147 -16.96 19.81 -17.88
C SER E 147 -15.67 20.27 -17.21
N GLN E 148 -15.54 21.56 -16.98
CA GLN E 148 -14.38 22.15 -16.30
C GLN E 148 -14.81 22.81 -14.97
N SER E 149 -16.08 22.73 -14.59
CA SER E 149 -16.59 23.38 -13.39
C SER E 149 -15.98 22.73 -12.16
N PHE E 150 -15.84 23.54 -11.14
CA PHE E 150 -15.37 23.06 -9.83
C PHE E 150 -16.56 22.80 -8.95
N VAL E 151 -16.69 21.55 -8.47
CA VAL E 151 -17.76 21.15 -7.56
C VAL E 151 -17.04 20.78 -6.29
N GLY E 152 -17.41 21.42 -5.20
CA GLY E 152 -16.72 21.21 -3.95
C GLY E 152 -16.58 22.50 -3.18
N GLU E 153 -15.55 22.58 -2.36
CA GLU E 153 -15.41 23.70 -1.41
C GLU E 153 -14.06 24.39 -1.58
N ILE E 154 -14.05 25.72 -1.48
CA ILE E 154 -12.83 26.52 -1.55
C ILE E 154 -12.80 27.52 -0.40
N GLY E 155 -11.64 27.63 0.24
CA GLY E 155 -11.48 28.58 1.33
C GLY E 155 -10.09 29.14 1.41
N ASP E 156 -9.93 30.10 2.33
CA ASP E 156 -8.61 30.65 2.69
C ASP E 156 -7.79 31.07 1.48
N LEU E 157 -8.42 31.85 0.60
CA LEU E 157 -7.77 32.30 -0.59
C LEU E 157 -7.10 33.68 -0.41
N TYR E 158 -5.87 33.74 -0.89
CA TYR E 158 -5.04 34.94 -0.83
C TYR E 158 -4.25 35.08 -2.11
N MET E 159 -4.05 36.32 -2.55
CA MET E 159 -3.19 36.57 -3.72
C MET E 159 -2.36 37.81 -3.44
N TRP E 160 -1.04 37.66 -3.58
CA TRP E 160 -0.05 38.71 -3.34
C TRP E 160 0.65 39.06 -4.63
N ASP E 161 1.08 40.32 -4.76
CA ASP E 161 1.82 40.75 -5.95
C ASP E 161 3.34 40.56 -5.80
N SER E 162 3.76 39.53 -5.08
CA SER E 162 5.15 39.16 -4.91
C SER E 162 5.27 37.64 -4.84
N VAL E 163 6.49 37.13 -4.93
CA VAL E 163 6.80 35.71 -4.77
C VAL E 163 7.09 35.42 -3.31
N LEU E 164 6.19 34.69 -2.65
CA LEU E 164 6.41 34.40 -1.25
C LEU E 164 7.56 33.41 -1.08
N PRO E 165 8.45 33.68 -0.11
CA PRO E 165 9.46 32.70 0.27
C PRO E 165 8.86 31.52 1.01
N PRO E 166 9.60 30.42 1.14
CA PRO E 166 9.05 29.21 1.77
C PRO E 166 8.41 29.43 3.12
N GLU E 167 9.01 30.26 3.96
CA GLU E 167 8.45 30.43 5.27
C GLU E 167 7.04 31.03 5.22
N ASN E 168 6.79 31.94 4.28
CA ASN E 168 5.49 32.55 4.16
C ASN E 168 4.47 31.59 3.53
N ILE E 169 4.94 30.64 2.71
N ILE E 169 4.96 30.72 2.64
CA ILE E 169 4.03 29.60 2.19
CA ILE E 169 4.15 29.63 2.10
C ILE E 169 3.62 28.64 3.32
C ILE E 169 3.65 28.75 3.24
N LEU E 170 4.58 28.23 4.16
N LEU E 170 4.58 28.30 4.09
CA LEU E 170 4.22 27.38 5.28
CA LEU E 170 4.22 27.43 5.19
C LEU E 170 3.29 28.11 6.23
C LEU E 170 3.29 28.12 6.19
N SER E 171 3.49 29.42 6.39
CA SER E 171 2.59 30.21 7.24
C SER E 171 1.18 30.18 6.70
N ALA E 172 1.02 30.31 5.38
CA ALA E 172 -0.30 30.21 4.81
C ALA E 172 -0.92 28.82 5.03
N TYR E 173 -0.11 27.79 4.80
CA TYR E 173 -0.58 26.41 4.94
C TYR E 173 -1.04 26.11 6.37
N GLN E 174 -0.23 26.48 7.34
CA GLN E 174 -0.53 25.99 8.70
C GLN E 174 -0.27 27.00 9.78
N GLY E 175 0.14 28.20 9.41
CA GLY E 175 0.36 29.25 10.40
C GLY E 175 -0.59 30.42 10.10
N THR E 176 -0.08 31.62 10.26
CA THR E 176 -0.90 32.76 9.91
C THR E 176 -0.48 33.25 8.53
N PRO E 177 -1.39 33.26 7.53
CA PRO E 177 -0.96 33.85 6.25
C PRO E 177 -0.60 35.32 6.39
N LEU E 178 0.39 35.77 5.65
CA LEU E 178 0.66 37.18 5.56
C LEU E 178 -0.52 37.86 4.90
N PRO E 179 -0.98 39.01 5.41
CA PRO E 179 -2.01 39.74 4.70
C PRO E 179 -1.64 40.00 3.25
N ALA E 180 -2.63 39.91 2.35
CA ALA E 180 -2.42 39.90 0.93
C ALA E 180 -3.04 41.11 0.26
N ASN E 181 -2.34 41.61 -0.75
CA ASN E 181 -2.72 42.87 -1.36
C ASN E 181 -3.50 42.82 -2.65
N ILE E 182 -3.68 41.64 -3.26
CA ILE E 182 -4.53 41.54 -4.43
C ILE E 182 -5.90 40.98 -4.07
N LEU E 183 -5.90 39.83 -3.37
CA LEU E 183 -7.11 39.20 -2.84
C LEU E 183 -6.79 38.70 -1.43
N ASP E 184 -7.70 38.93 -0.50
CA ASP E 184 -7.50 38.53 0.90
C ASP E 184 -8.80 38.05 1.50
N TRP E 185 -8.77 36.83 2.06
CA TRP E 185 -9.94 36.17 2.59
C TRP E 185 -10.63 36.91 3.72
N GLN E 186 -9.85 37.74 4.46
CA GLN E 186 -10.42 38.53 5.56
C GLN E 186 -11.08 39.83 5.07
N ALA E 187 -10.94 40.16 3.79
CA ALA E 187 -11.52 41.38 3.24
C ALA E 187 -11.74 41.20 1.78
N LEU E 188 -12.63 40.28 1.47
CA LEU E 188 -12.86 39.85 0.09
C LEU E 188 -14.09 40.55 -0.49
N ASN E 189 -13.91 41.08 -1.71
N ASN E 189 -13.93 41.09 -1.69
CA ASN E 189 -15.00 41.62 -2.50
CA ASN E 189 -15.06 41.60 -2.45
C ASN E 189 -15.41 40.58 -3.53
C ASN E 189 -15.40 40.58 -3.51
N TYR E 190 -16.60 40.02 -3.40
CA TYR E 190 -17.02 38.94 -4.28
C TYR E 190 -18.46 39.10 -4.71
N GLU E 191 -18.85 38.35 -5.74
CA GLU E 191 -20.22 38.29 -6.21
C GLU E 191 -20.57 36.83 -6.43
N ILE E 192 -21.57 36.31 -5.71
CA ILE E 192 -22.11 34.98 -5.96
C ILE E 192 -23.09 35.04 -7.11
N ARG E 193 -22.95 34.10 -8.04
CA ARG E 193 -23.87 33.96 -9.17
C ARG E 193 -24.33 32.51 -9.20
N GLY E 194 -25.62 32.31 -9.09
CA GLY E 194 -26.17 30.99 -9.12
C GLY E 194 -26.04 30.29 -7.77
N TYR E 195 -25.89 28.98 -7.83
CA TYR E 195 -25.95 28.16 -6.60
C TYR E 195 -24.58 27.99 -5.97
N VAL E 196 -24.25 28.92 -5.09
CA VAL E 196 -23.00 28.87 -4.32
C VAL E 196 -23.40 29.28 -2.91
N ILE E 197 -23.02 28.46 -1.92
CA ILE E 197 -23.46 28.66 -0.55
C ILE E 197 -22.22 28.88 0.33
N ILE E 198 -22.25 29.85 1.23
CA ILE E 198 -21.16 30.03 2.18
C ILE E 198 -21.45 29.23 3.45
N LYS E 199 -20.50 28.39 3.86
CA LYS E 199 -20.65 27.52 5.01
C LYS E 199 -19.37 27.58 5.85
N PRO E 200 -19.44 27.16 7.12
CA PRO E 200 -18.23 27.02 7.90
C PRO E 200 -17.29 26.00 7.28
N LEU E 201 -15.99 26.24 7.44
CA LEU E 201 -14.92 25.31 7.07
C LEU E 201 -14.87 24.22 8.13
N VAL E 202 -15.15 22.98 7.77
CA VAL E 202 -15.17 21.91 8.79
C VAL E 202 -14.09 20.87 8.60
N TRP E 203 -13.35 20.98 7.51
CA TRP E 203 -12.32 20.03 7.17
C TRP E 203 -10.98 20.68 7.38
N VAL E 204 -9.91 19.91 7.33
CA VAL E 204 -8.69 20.55 7.84
C VAL E 204 -7.99 21.36 6.73
CA OPE F . -32.77 3.53 -5.27
CB OPE F . -31.26 3.47 -5.20
O1 OPE F . -34.98 0.68 -6.64
O2 OPE F . -34.73 2.87 -7.88
O3 OPE F . -35.67 2.91 -5.54
O4 OPE F . -33.14 2.35 -5.93
N OPE F . -30.74 3.43 -6.58
P OPE F . -34.69 2.21 -6.40
CA CA G . -35.98 -0.67 -5.05
C1 NAG H . -33.15 24.69 9.98
C2 NAG H . -34.00 25.59 10.90
C3 NAG H . -33.53 27.04 10.89
C4 NAG H . -32.05 27.11 11.20
C5 NAG H . -31.29 26.17 10.28
C6 NAG H . -29.80 26.12 10.62
C7 NAG H . -36.27 24.86 11.19
C8 NAG H . -37.60 24.67 10.53
N2 NAG H . -35.36 25.49 10.47
O3 NAG H . -34.28 27.75 11.83
O4 NAG H . -31.56 28.43 11.04
O5 NAG H . -31.78 24.83 10.35
O6 NAG H . -29.11 27.11 9.88
O7 NAG H . -36.09 24.45 12.33
H2 NAG H . -33.92 25.20 11.91
H3 NAG H . -33.73 27.45 9.90
H4 NAG H . -31.90 26.79 12.23
H5 NAG H . -31.38 26.54 9.25
H61 NAG H . -29.41 25.13 10.41
H62 NAG H . -29.67 26.31 11.68
H81 NAG H . -38.37 25.15 11.13
H82 NAG H . -37.81 23.60 10.46
H83 NAG H . -37.58 25.10 9.54
HN2 NAG H . -35.62 25.93 9.61
HO3 NAG H . -34.91 27.14 12.28
HO4 NAG H . -32.30 29.02 10.76
HO6 NAG H . -29.75 27.60 9.32
CA CA I . -37.13 2.84 -3.71
CA OPE J . -17.74 -28.44 0.54
CB OPE J . -17.08 -27.08 0.43
O1 OPE J . -18.47 -31.27 0.38
O2 OPE J . -16.88 -31.38 -1.57
O3 OPE J . -19.11 -30.23 -1.82
O4 OPE J . -17.17 -29.26 -0.48
N OPE J . -17.34 -26.47 -0.89
P OPE J . -17.98 -30.63 -0.87
CA CA K . -18.00 -32.84 2.02
C1 NAG L . -27.06 -21.78 23.88
C2 NAG L . -27.64 -22.30 25.19
C3 NAG L . -28.48 -21.21 25.85
C4 NAG L . -27.70 -19.91 26.01
C5 NAG L . -27.08 -19.51 24.68
C6 NAG L . -26.16 -18.31 24.85
C7 NAG L . -28.18 -24.70 25.38
C8 NAG L . -27.09 -24.93 26.39
N2 NAG L . -28.44 -23.47 24.95
O3 NAG L . -28.95 -21.65 27.12
O4 NAG L . -28.51 -18.83 26.45
O5 NAG L . -26.32 -20.59 24.15
O6 NAG L . -25.44 -18.14 23.65
O7 NAG L . -28.82 -25.68 24.97
H2 NAG L . -26.80 -22.57 25.84
H3 NAG L . -29.33 -20.99 25.21
H4 NAG L . -26.89 -20.07 26.72
H5 NAG L . -27.88 -19.22 24.00
H61 NAG L . -25.51 -18.47 25.72
H62 NAG L . -26.75 -17.42 25.05
H81 NAG L . -26.33 -25.60 25.96
H82 NAG L . -27.52 -25.39 27.28
H83 NAG L . -26.63 -23.98 26.64
HN2 NAG L . -29.28 -23.35 24.40
HO3 NAG L . -28.61 -22.56 27.28
HO4 NAG L . -29.43 -19.15 26.58
HO6 NAG L . -25.71 -18.82 23.02
CA CA M . -15.42 -33.02 -0.90
CA OPE N . 16.15 -26.98 -11.17
CB OPE N . 15.29 -25.79 -10.72
O1 OPE N . 18.10 -28.62 -12.64
O2 OPE N . 17.79 -27.00 -14.61
O3 OPE N . 16.00 -28.66 -13.98
O4 OPE N . 16.48 -26.64 -12.54
N OPE N . 14.05 -25.73 -11.54
P OPE N . 17.16 -27.78 -13.48
CA CA O . 20.01 -26.33 -14.92
CA CA P . 20.31 -28.92 -12.01
C1 NAG Q . 19.28 -36.29 12.64
C2 NAG Q . 20.33 -37.04 13.48
C3 NAG Q . 19.71 -38.16 14.30
C4 NAG Q . 18.49 -37.67 15.07
C5 NAG Q . 17.55 -36.97 14.08
C6 NAG Q . 16.29 -36.46 14.78
C7 NAG Q . 22.63 -37.45 12.73
C8 NAG Q . 23.14 -36.58 13.83
N2 NAG Q . 21.31 -37.59 12.57
O3 NAG Q . 20.67 -38.69 15.19
O4 NAG Q . 17.83 -38.75 15.71
O5 NAG Q . 18.22 -35.87 13.49
O6 NAG Q . 16.66 -35.42 15.67
O7 NAG Q . 23.44 -38.02 11.99
H2 NAG Q . 20.82 -36.31 14.13
H3 NAG Q . 19.37 -38.94 13.62
H4 NAG Q . 18.83 -36.96 15.82
H5 NAG Q . 17.25 -37.70 13.33
H61 NAG Q . 15.80 -37.29 15.30
H62 NAG Q . 15.59 -36.08 14.03
H81 NAG Q . 23.74 -35.78 13.41
H82 NAG Q . 23.76 -37.18 14.50
H83 NAG Q . 22.31 -36.16 14.39
HN2 NAG Q . 20.97 -38.12 11.78
HO3 NAG Q . 21.52 -38.21 15.07
HO4 NAG Q . 18.30 -39.59 15.51
HO6 NAG Q . 17.63 -35.28 15.63
CA OPE R . 22.29 6.19 -23.88
CB OPE R . 21.20 5.77 -22.93
O1 OPE R . 21.53 8.17 -26.99
O2 OPE R . 22.41 5.73 -27.17
O3 OPE R . 23.76 7.61 -25.98
O4 OPE R . 21.60 6.77 -24.96
N OPE R . 20.37 4.79 -23.67
P OPE R . 22.42 7.14 -26.32
CA CA S . 21.66 10.43 -27.25
C1 NAG T . 42.25 3.14 -7.93
C2 NAG T . 43.63 3.70 -7.56
C3 NAG T . 44.66 2.62 -7.26
C4 NAG T . 44.12 1.62 -6.26
C5 NAG T . 42.76 1.14 -6.78
C6 NAG T . 42.13 0.09 -5.86
C7 NAG T . 44.39 5.80 -8.46
C8 NAG T . 44.81 6.56 -9.70
N2 NAG T . 44.09 4.53 -8.63
O3 NAG T . 45.83 3.25 -6.76
O4 NAG T . 45.02 0.51 -6.14
O5 NAG T . 41.87 2.25 -6.92
O6 NAG T . 41.95 0.62 -4.56
O7 NAG T . 44.31 6.35 -7.37
H2 NAG T . 43.52 4.32 -6.67
H3 NAG T . 44.90 2.10 -8.19
H4 NAG T . 44.01 2.11 -5.30
H5 NAG T . 42.90 0.70 -7.77
H61 NAG T . 42.76 -0.79 -5.83
H62 NAG T . 41.16 -0.21 -6.27
H81 NAG T . 45.82 6.95 -9.55
H82 NAG T . 44.12 7.38 -9.87
H83 NAG T . 44.80 5.88 -10.55
HN2 NAG T . 44.19 4.12 -9.56
HO3 NAG T . 45.70 4.22 -6.73
HO4 NAG T . 45.79 0.64 -6.72
HO6 NAG T . 42.27 1.55 -4.54
CA CA U . 25.24 9.44 -25.96
CA OPE V . -7.76 25.38 -20.29
CB OPE V . -7.32 24.18 -19.50
O1 OPE V . -9.30 27.31 -21.88
O2 OPE V . -11.00 25.49 -22.19
O3 OPE V . -8.80 25.41 -23.44
O4 OPE V . -8.96 24.99 -20.94
N OPE V . -7.07 23.03 -20.39
P OPE V . -9.54 25.88 -22.18
CA CA W . -12.88 26.48 -21.32
C1 NAG X . 9.01 41.61 -9.29
C2 NAG X . 8.91 43.12 -9.00
C3 NAG X . 10.16 43.88 -9.42
C4 NAG X . 11.42 43.25 -8.85
C5 NAG X . 11.34 41.74 -8.97
C6 NAG X . 12.52 41.13 -8.24
C7 NAG X . 6.90 44.52 -9.10
C8 NAG X . 5.96 45.22 -10.03
N2 NAG X . 7.82 43.77 -9.70
O3 NAG X . 10.10 45.22 -8.95
O4 NAG X . 12.55 43.67 -9.58
O5 NAG X . 10.12 41.25 -8.48
O6 NAG X . 12.11 40.55 -7.02
O7 NAG X . 6.83 44.66 -7.88
H2 NAG X . 8.76 43.26 -7.92
H3 NAG X . 10.21 43.89 -10.50
H4 NAG X . 11.51 43.55 -7.81
H5 NAG X . 11.42 41.48 -10.02
H61 NAG X . 13.27 41.90 -8.05
H62 NAG X . 12.98 40.36 -8.87
H81 NAG X . 6.04 46.30 -9.91
H82 NAG X . 4.93 44.91 -9.82
H83 NAG X . 6.21 44.97 -11.06
HN2 NAG X . 7.76 43.61 -10.70
HO3 NAG X . 9.27 45.35 -8.45
HO4 NAG X . 12.28 44.29 -10.30
HO6 NAG X . 11.14 40.67 -6.91
CA CA Y . -10.22 29.29 -21.00
#